data_1TRR
#
_entry.id   1TRR
#
_cell.length_a   112.340
_cell.length_b   90.160
_cell.length_c   58.650
_cell.angle_alpha   90.00
_cell.angle_beta   113.92
_cell.angle_gamma   90.00
#
_symmetry.space_group_name_H-M   'C 1 2 1'
#
loop_
_entity.id
_entity.type
_entity.pdbx_description
1 polymer "DNA (5'-D(*AP*GP*CP*GP*TP*AP*CP*TP*AP*GP*TP*AP*CP*GP*CP*T)-3')"
2 polymer 'PROTEIN (TRP REPRESSOR)'
3 non-polymer TRYPTOPHAN
4 water water
#
loop_
_entity_poly.entity_id
_entity_poly.type
_entity_poly.pdbx_seq_one_letter_code
_entity_poly.pdbx_strand_id
1 'polydeoxyribonucleotide' (DA)(DG)(DC)(DG)(DT)(DA)(DC)(DT)(DA)(DG)(DT)(DA)(DC)(DG)(DC)(DT) C,F,I,L
2 'polypeptide(L)'
;AQQSPYSAAMAEQRHEEWLRFVDLLKNAYQNDLHLPLLNLMLTPDEREALGTRVRIVEELLRGEMSQRELKNELGAGIAT
ITRGSNSLKAAPVELRQWLEEVLLKSD
;
A,B,D,E,G,H,J,K
#
loop_
_chem_comp.id
_chem_comp.type
_chem_comp.name
_chem_comp.formula
DA DNA linking 2'-DEOXYADENOSINE-5'-MONOPHOSPHATE 'C10 H14 N5 O6 P'
DC DNA linking 2'-DEOXYCYTIDINE-5'-MONOPHOSPHATE 'C9 H14 N3 O7 P'
DG DNA linking 2'-DEOXYGUANOSINE-5'-MONOPHOSPHATE 'C10 H14 N5 O7 P'
DT DNA linking THYMIDINE-5'-MONOPHOSPHATE 'C10 H15 N2 O8 P'
#
# COMPACT_ATOMS: atom_id res chain seq x y z
N ALA E 1 -23.35 -33.96 -3.64
CA ALA E 1 -24.38 -33.69 -4.66
C ALA E 1 -25.48 -34.69 -4.38
N GLN E 2 -25.78 -34.92 -3.09
CA GLN E 2 -26.85 -35.87 -2.74
C GLN E 2 -28.03 -35.17 -2.10
N GLN E 3 -28.64 -34.24 -2.85
CA GLN E 3 -29.78 -33.51 -2.33
C GLN E 3 -29.37 -32.65 -1.08
N SER E 4 -28.32 -31.85 -1.24
CA SER E 4 -27.79 -30.97 -0.16
C SER E 4 -28.79 -30.57 0.94
N PRO E 5 -28.82 -31.30 2.09
CA PRO E 5 -29.80 -30.77 3.04
C PRO E 5 -29.34 -29.91 4.21
N TYR E 6 -28.08 -30.03 4.67
CA TYR E 6 -27.61 -29.28 5.87
C TYR E 6 -28.53 -29.81 7.01
N SER E 7 -29.43 -30.73 6.65
CA SER E 7 -30.43 -31.32 7.52
C SER E 7 -29.83 -32.05 8.68
N ALA E 8 -29.94 -31.42 9.85
CA ALA E 8 -29.50 -32.02 11.11
C ALA E 8 -30.04 -33.44 10.99
N ALA E 9 -31.23 -33.51 10.39
CA ALA E 9 -31.97 -34.71 10.12
C ALA E 9 -31.11 -35.96 10.04
N MET E 10 -30.56 -36.26 8.87
CA MET E 10 -29.78 -37.48 8.73
C MET E 10 -28.33 -37.38 8.28
N ALA E 11 -27.74 -36.20 8.45
CA ALA E 11 -26.33 -36.06 8.09
C ALA E 11 -25.56 -37.02 9.00
N GLU E 12 -26.24 -37.69 9.92
CA GLU E 12 -25.60 -38.63 10.80
C GLU E 12 -25.46 -39.98 10.11
N GLN E 13 -26.48 -40.43 9.41
CA GLN E 13 -26.42 -41.75 8.78
C GLN E 13 -25.33 -41.77 7.78
N ARG E 14 -25.43 -40.88 6.81
CA ARG E 14 -24.43 -40.82 5.76
C ARG E 14 -23.05 -40.62 6.36
N HIS E 15 -23.05 -40.03 7.54
CA HIS E 15 -21.82 -39.82 8.24
C HIS E 15 -21.36 -41.15 8.80
N GLU E 16 -22.30 -41.93 9.33
CA GLU E 16 -21.99 -43.22 9.85
C GLU E 16 -21.62 -44.16 8.68
N GLU E 17 -22.14 -43.89 7.47
CA GLU E 17 -21.82 -44.72 6.29
C GLU E 17 -20.37 -44.38 5.90
N TRP E 18 -20.05 -43.11 5.97
CA TRP E 18 -18.71 -42.66 5.67
C TRP E 18 -17.68 -43.33 6.63
N LEU E 19 -18.00 -43.40 7.92
CA LEU E 19 -17.13 -44.04 8.91
C LEU E 19 -16.94 -45.52 8.64
N ARG E 20 -17.93 -46.13 8.00
CA ARG E 20 -17.88 -47.51 7.61
C ARG E 20 -16.79 -47.58 6.52
N PHE E 21 -16.67 -46.55 5.69
CA PHE E 21 -15.66 -46.53 4.66
C PHE E 21 -14.30 -46.40 5.30
N VAL E 22 -14.16 -45.41 6.15
CA VAL E 22 -12.91 -45.18 6.84
C VAL E 22 -12.41 -46.48 7.43
N ASP E 23 -13.26 -47.23 8.12
CA ASP E 23 -12.84 -48.48 8.75
C ASP E 23 -12.43 -49.58 7.75
N LEU E 24 -13.20 -49.75 6.70
CA LEU E 24 -12.92 -50.72 5.68
C LEU E 24 -11.56 -50.45 5.04
N LEU E 25 -11.30 -49.19 4.70
CA LEU E 25 -10.05 -48.81 4.08
C LEU E 25 -8.94 -49.13 5.03
N LYS E 26 -9.21 -48.97 6.32
CA LYS E 26 -8.25 -49.24 7.37
C LYS E 26 -7.81 -50.66 7.26
N ASN E 27 -8.76 -51.58 7.15
CA ASN E 27 -8.50 -53.01 7.01
C ASN E 27 -7.73 -53.26 5.72
N ALA E 28 -8.17 -52.63 4.63
CA ALA E 28 -7.55 -52.77 3.33
C ALA E 28 -6.07 -52.52 3.43
N TYR E 29 -5.67 -51.41 3.99
CA TYR E 29 -4.24 -51.16 4.13
C TYR E 29 -3.55 -52.27 4.87
N GLN E 30 -4.19 -52.74 5.93
CA GLN E 30 -3.60 -53.77 6.74
C GLN E 30 -3.46 -55.05 5.97
N ASN E 31 -4.34 -55.28 5.02
CA ASN E 31 -4.29 -56.52 4.23
C ASN E 31 -3.65 -56.31 2.87
N ASP E 32 -3.11 -55.12 2.66
CA ASP E 32 -2.49 -54.78 1.41
C ASP E 32 -3.39 -54.83 0.19
N LEU E 33 -4.65 -54.49 0.41
CA LEU E 33 -5.65 -54.46 -0.64
C LEU E 33 -6.19 -53.05 -0.76
N HIS E 34 -5.46 -52.08 -0.25
CA HIS E 34 -5.93 -50.71 -0.34
C HIS E 34 -5.94 -50.21 -1.75
N LEU E 35 -4.89 -50.50 -2.49
CA LEU E 35 -4.83 -50.04 -3.87
C LEU E 35 -6.05 -50.48 -4.70
N PRO E 36 -6.33 -51.78 -4.81
CA PRO E 36 -7.52 -52.07 -5.60
C PRO E 36 -8.78 -51.53 -4.97
N LEU E 37 -8.86 -51.46 -3.65
CA LEU E 37 -10.07 -50.96 -3.01
C LEU E 37 -10.28 -49.51 -3.41
N LEU E 38 -9.23 -48.73 -3.43
CA LEU E 38 -9.33 -47.32 -3.79
C LEU E 38 -9.58 -47.18 -5.28
N ASN E 39 -9.21 -48.19 -6.06
CA ASN E 39 -9.46 -48.13 -7.49
C ASN E 39 -10.90 -48.49 -7.72
N LEU E 40 -11.50 -49.23 -6.80
CA LEU E 40 -12.89 -49.64 -6.91
C LEU E 40 -13.78 -48.54 -6.40
N MET E 41 -13.41 -47.95 -5.26
CA MET E 41 -14.18 -46.90 -4.59
C MET E 41 -14.13 -45.46 -5.11
N LEU E 42 -13.05 -45.05 -5.77
CA LEU E 42 -12.97 -43.69 -6.31
C LEU E 42 -12.96 -43.70 -7.83
N THR E 43 -13.28 -42.59 -8.47
CA THR E 43 -13.27 -42.54 -9.92
C THR E 43 -11.86 -42.05 -10.32
N PRO E 44 -11.45 -42.22 -11.58
CA PRO E 44 -10.10 -41.77 -11.98
C PRO E 44 -9.84 -40.33 -11.66
N ASP E 45 -10.86 -39.52 -11.85
CA ASP E 45 -10.79 -38.12 -11.62
C ASP E 45 -10.59 -37.70 -10.16
N GLU E 46 -11.22 -38.44 -9.25
CA GLU E 46 -11.10 -38.16 -7.83
C GLU E 46 -9.69 -38.50 -7.40
N ARG E 47 -9.14 -39.57 -7.96
CA ARG E 47 -7.80 -39.97 -7.64
C ARG E 47 -6.84 -38.91 -8.04
N GLU E 48 -7.02 -38.37 -9.24
CA GLU E 48 -6.13 -37.30 -9.70
C GLU E 48 -6.20 -35.99 -8.90
N ALA E 49 -7.43 -35.54 -8.63
CA ALA E 49 -7.68 -34.33 -7.87
C ALA E 49 -6.98 -34.47 -6.55
N LEU E 50 -7.01 -35.68 -5.99
CA LEU E 50 -6.37 -35.97 -4.71
C LEU E 50 -4.86 -35.86 -4.84
N GLY E 51 -4.32 -36.25 -5.99
CA GLY E 51 -2.89 -36.16 -6.17
C GLY E 51 -2.48 -34.71 -6.03
N THR E 52 -3.21 -33.84 -6.72
CA THR E 52 -2.94 -32.41 -6.71
C THR E 52 -3.09 -31.78 -5.33
N ARG E 53 -4.06 -32.23 -4.56
CA ARG E 53 -4.25 -31.67 -3.23
C ARG E 53 -3.10 -32.03 -2.31
N VAL E 54 -2.53 -33.23 -2.40
CA VAL E 54 -1.43 -33.49 -1.51
C VAL E 54 -0.28 -32.58 -1.84
N ARG E 55 -0.08 -32.27 -3.11
CA ARG E 55 1.01 -31.38 -3.51
C ARG E 55 0.77 -30.00 -2.98
N ILE E 56 -0.44 -29.52 -3.15
CA ILE E 56 -0.78 -28.20 -2.67
C ILE E 56 -0.54 -28.11 -1.17
N VAL E 57 -1.10 -29.06 -0.43
CA VAL E 57 -0.96 -29.05 1.00
C VAL E 57 0.49 -29.13 1.42
N GLU E 58 1.26 -29.94 0.72
CA GLU E 58 2.67 -30.10 1.05
C GLU E 58 3.44 -28.82 0.82
N GLU E 59 3.27 -28.22 -0.36
CA GLU E 59 3.97 -27.00 -0.75
C GLU E 59 3.58 -25.81 0.05
N LEU E 60 2.36 -25.79 0.55
CA LEU E 60 1.91 -24.69 1.38
C LEU E 60 2.57 -24.73 2.77
N LEU E 61 2.70 -25.92 3.32
CA LEU E 61 3.30 -26.08 4.64
C LEU E 61 4.76 -25.74 4.51
N ARG E 62 5.34 -26.19 3.40
CA ARG E 62 6.75 -26.00 3.03
C ARG E 62 7.01 -24.53 2.88
N GLY E 63 6.01 -23.83 2.31
CA GLY E 63 6.11 -22.40 2.13
C GLY E 63 7.37 -21.85 1.51
N GLU E 64 7.98 -22.58 0.57
CA GLU E 64 9.19 -22.07 -0.07
C GLU E 64 8.84 -21.38 -1.38
N MET E 65 7.62 -21.50 -1.87
CA MET E 65 7.22 -20.87 -3.15
C MET E 65 5.87 -20.14 -3.04
N SER E 66 5.70 -19.04 -3.78
CA SER E 66 4.48 -18.26 -3.72
C SER E 66 3.38 -19.14 -4.20
N GLN E 67 2.14 -18.72 -4.03
CA GLN E 67 1.00 -19.51 -4.50
C GLN E 67 0.85 -19.41 -6.02
N ARG E 68 1.34 -18.30 -6.60
CA ARG E 68 1.33 -18.04 -8.04
C ARG E 68 2.29 -19.05 -8.67
N GLU E 69 3.38 -19.36 -7.99
CA GLU E 69 4.33 -20.34 -8.52
C GLU E 69 3.75 -21.72 -8.45
N LEU E 70 3.21 -22.07 -7.27
CA LEU E 70 2.60 -23.37 -6.98
C LEU E 70 1.61 -23.68 -8.10
N LYS E 71 0.77 -22.70 -8.42
CA LYS E 71 -0.27 -22.80 -9.43
C LYS E 71 0.25 -23.10 -10.83
N ASN E 72 1.43 -22.58 -11.15
CA ASN E 72 2.06 -22.83 -12.43
C ASN E 72 2.70 -24.20 -12.47
N GLU E 73 3.33 -24.56 -11.36
CA GLU E 73 4.00 -25.85 -11.20
C GLU E 73 2.93 -26.96 -11.38
N LEU E 74 1.81 -26.83 -10.67
CA LEU E 74 0.73 -27.79 -10.71
C LEU E 74 -0.30 -27.64 -11.85
N GLY E 75 -0.29 -26.52 -12.56
CA GLY E 75 -1.29 -26.34 -13.61
C GLY E 75 -2.67 -26.29 -12.97
N ALA E 76 -2.76 -25.68 -11.79
CA ALA E 76 -4.00 -25.57 -11.05
C ALA E 76 -4.51 -24.14 -11.08
N GLY E 77 -5.77 -23.96 -10.69
CA GLY E 77 -6.40 -22.66 -10.65
C GLY E 77 -6.04 -22.11 -9.30
N ILE E 78 -5.98 -20.79 -9.14
CA ILE E 78 -5.60 -20.28 -7.86
C ILE E 78 -6.63 -20.62 -6.82
N ALA E 79 -7.87 -20.82 -7.26
CA ALA E 79 -8.98 -21.14 -6.34
C ALA E 79 -8.75 -22.42 -5.56
N THR E 80 -8.11 -23.39 -6.22
CA THR E 80 -7.79 -24.69 -5.64
C THR E 80 -6.69 -24.59 -4.61
N ILE E 81 -5.81 -23.60 -4.74
CA ILE E 81 -4.74 -23.41 -3.75
C ILE E 81 -5.35 -22.76 -2.50
N THR E 82 -6.28 -21.83 -2.72
CA THR E 82 -7.00 -21.14 -1.65
C THR E 82 -7.82 -22.15 -0.85
N ARG E 83 -8.45 -23.12 -1.52
CA ARG E 83 -9.21 -24.15 -0.80
C ARG E 83 -8.25 -24.91 0.11
N GLY E 84 -7.07 -25.23 -0.38
CA GLY E 84 -6.11 -25.93 0.46
C GLY E 84 -5.66 -25.04 1.60
N SER E 85 -5.34 -23.79 1.29
CA SER E 85 -4.90 -22.85 2.29
C SER E 85 -5.93 -22.67 3.40
N ASN E 86 -7.17 -22.43 3.06
CA ASN E 86 -8.17 -22.23 4.10
C ASN E 86 -8.42 -23.48 4.92
N SER E 87 -8.40 -24.63 4.23
CA SER E 87 -8.62 -25.93 4.87
C SER E 87 -7.54 -26.20 5.88
N LEU E 88 -6.32 -25.88 5.50
CA LEU E 88 -5.16 -26.07 6.35
C LEU E 88 -5.32 -25.20 7.60
N LYS E 89 -5.85 -23.99 7.43
CA LYS E 89 -6.04 -23.07 8.57
C LYS E 89 -6.95 -23.76 9.60
N ALA E 90 -7.94 -24.48 9.09
CA ALA E 90 -8.91 -25.18 9.93
C ALA E 90 -8.44 -26.55 10.50
N ALA E 91 -7.37 -27.10 9.94
CA ALA E 91 -6.87 -28.40 10.37
C ALA E 91 -6.39 -28.31 11.79
N PRO E 92 -6.44 -29.42 12.55
CA PRO E 92 -5.99 -29.41 13.94
C PRO E 92 -4.49 -29.16 14.02
N VAL E 93 -4.06 -28.57 15.12
CA VAL E 93 -2.65 -28.30 15.33
C VAL E 93 -1.86 -29.62 15.15
N GLU E 94 -2.38 -30.69 15.73
CA GLU E 94 -1.76 -32.02 15.68
C GLU E 94 -1.49 -32.41 14.23
N LEU E 95 -2.51 -32.32 13.41
CA LEU E 95 -2.39 -32.69 12.02
C LEU E 95 -1.36 -31.83 11.30
N ARG E 96 -1.49 -30.50 11.36
CA ARG E 96 -0.55 -29.61 10.68
C ARG E 96 0.88 -29.91 11.06
N GLN E 97 1.15 -30.05 12.36
CA GLN E 97 2.51 -30.34 12.80
C GLN E 97 3.05 -31.75 12.46
N TRP E 98 2.18 -32.72 12.22
CA TRP E 98 2.66 -34.06 11.82
C TRP E 98 2.90 -34.05 10.31
N LEU E 99 2.04 -33.35 9.58
CA LEU E 99 2.19 -33.21 8.15
C LEU E 99 3.55 -32.59 7.86
N GLU E 100 3.88 -31.54 8.61
CA GLU E 100 5.17 -30.85 8.45
C GLU E 100 6.36 -31.75 8.78
N GLU E 101 6.12 -32.95 9.28
CA GLU E 101 7.20 -33.86 9.61
C GLU E 101 7.31 -34.88 8.49
N VAL E 102 6.20 -35.59 8.26
CA VAL E 102 6.23 -36.60 7.23
C VAL E 102 6.35 -35.92 5.90
N LEU E 103 5.51 -34.95 5.65
CA LEU E 103 5.50 -34.22 4.39
C LEU E 103 6.63 -33.21 4.20
N LEU E 104 7.64 -33.20 5.06
CA LEU E 104 8.73 -32.21 4.87
C LEU E 104 10.10 -32.75 5.34
N LYS E 105 10.71 -32.18 6.28
N ALA F 1 -12.55 -34.29 -13.22
CA ALA F 1 -12.48 -33.15 -14.12
C ALA F 1 -11.28 -32.37 -13.86
N GLN F 2 -10.45 -32.40 -14.74
CA GLN F 2 -9.29 -31.69 -14.56
C GLN F 2 -8.86 -31.40 -15.92
N GLN F 3 -9.89 -30.94 -16.59
CA GLN F 3 -9.85 -30.58 -17.96
C GLN F 3 -9.43 -31.84 -18.74
N SER F 4 -10.35 -32.75 -18.61
CA SER F 4 -10.45 -34.07 -19.25
C SER F 4 -9.43 -34.38 -20.37
N PRO F 5 -7.80 -34.42 -20.32
CA PRO F 5 -6.97 -34.83 -21.47
C PRO F 5 -7.03 -36.28 -21.95
N TYR F 6 -7.69 -37.21 -21.30
CA TYR F 6 -7.59 -38.58 -21.86
C TYR F 6 -6.17 -38.66 -22.41
N SER F 7 -5.00 -37.84 -22.29
CA SER F 7 -3.69 -37.82 -22.96
C SER F 7 -2.69 -38.71 -22.20
N ALA F 8 -2.37 -39.86 -22.79
CA ALA F 8 -1.41 -40.80 -22.21
C ALA F 8 -0.15 -39.99 -21.89
N ALA F 9 -0.10 -38.85 -22.54
CA ALA F 9 0.98 -37.86 -22.42
C ALA F 9 1.26 -37.58 -20.88
N MET F 10 0.33 -36.82 -20.15
CA MET F 10 0.48 -36.48 -18.63
C MET F 10 -0.72 -36.94 -17.76
N ALA F 11 -1.47 -37.93 -17.97
CA ALA F 11 -2.34 -38.66 -17.06
C ALA F 11 -1.38 -39.39 -16.13
N GLU F 12 -0.08 -39.30 -16.41
CA GLU F 12 0.92 -39.93 -15.60
C GLU F 12 1.33 -39.08 -14.39
N GLN F 13 1.44 -37.78 -14.53
CA GLN F 13 1.89 -36.94 -13.41
C GLN F 13 0.81 -36.93 -12.38
N ARG F 14 -0.37 -36.51 -12.80
CA ARG F 14 -1.51 -36.43 -11.91
C ARG F 14 -1.66 -37.79 -11.27
N HIS F 15 -0.51 -39.89 -11.48
CA HIS F 15 -0.65 -41.20 -10.88
C HIS F 15 0.38 -41.34 -9.81
N GLU F 16 1.59 -40.85 -10.06
CA GLU F 16 2.60 -40.96 -9.04
C GLU F 16 2.26 -40.03 -7.87
N GLU F 17 1.44 -39.02 -8.13
CA GLU F 17 1.00 -38.06 -7.10
C GLU F 17 -0.11 -38.70 -6.27
N TRP F 18 -0.93 -39.48 -6.93
CA TRP F 18 -2.01 -40.21 -6.29
C TRP F 18 -1.39 -41.25 -5.33
N LEU F 19 -0.30 -41.91 -5.76
CA LEU F 19 0.39 -42.89 -4.96
C LEU F 19 1.01 -42.23 -3.76
N ARG F 20 1.39 -40.98 -3.92
CA ARG F 20 1.95 -40.27 -2.81
C ARG F 20 0.86 -40.11 -1.76
N PHE F 21 -0.39 -39.88 -2.19
CA PHE F 21 -1.53 -39.76 -1.28
C PHE F 21 -1.79 -41.11 -0.60
N VAL F 22 -1.82 -42.16 -1.41
CA VAL F 22 -2.08 -43.46 -0.86
C VAL F 22 -1.08 -43.74 0.26
N ASP F 23 0.20 -43.42 0.06
CA ASP F 23 1.20 -43.68 1.09
C ASP F 23 1.07 -42.81 2.33
N LEU F 24 0.81 -41.53 2.14
CA LEU F 24 0.62 -40.61 3.24
C LEU F 24 -0.56 -41.05 4.09
N LEU F 25 -1.67 -41.46 3.45
CA LEU F 25 -2.82 -41.88 4.20
C LEU F 25 -2.45 -43.08 5.01
N LYS F 26 -1.62 -43.92 4.42
CA LYS F 26 -1.15 -45.13 5.07
C LYS F 26 -0.52 -44.78 6.39
N ASN F 27 0.38 -43.81 6.40
CA ASN F 27 1.01 -43.39 7.64
C ASN F 27 -0.01 -42.82 8.59
N ALA F 28 -0.89 -42.00 8.05
CA ALA F 28 -1.93 -41.38 8.84
C ALA F 28 -2.63 -42.44 9.63
N TYR F 29 -3.00 -43.56 9.02
CA TYR F 29 -3.71 -44.59 9.77
C TYR F 29 -2.91 -45.12 10.93
N GLN F 30 -1.63 -45.25 10.69
CA GLN F 30 -0.76 -45.76 11.67
C GLN F 30 -0.53 -44.79 12.83
N ASN F 31 -0.65 -43.50 12.56
CA ASN F 31 -0.41 -42.52 13.59
C ASN F 31 -1.69 -42.01 14.18
N ASP F 32 -2.80 -42.57 13.73
CA ASP F 32 -4.12 -42.17 14.19
C ASP F 32 -4.51 -40.78 13.76
N LEU F 33 -3.92 -40.33 12.67
CA LEU F 33 -4.21 -39.03 12.14
C LEU F 33 -4.95 -39.15 10.83
N HIS F 34 -5.53 -40.30 10.56
CA HIS F 34 -6.28 -40.48 9.33
C HIS F 34 -7.53 -39.64 9.27
N LEU F 35 -8.28 -39.57 10.36
CA LEU F 35 -9.50 -38.77 10.36
C LEU F 35 -9.24 -37.28 10.04
N PRO F 36 -8.35 -36.60 10.79
CA PRO F 36 -8.20 -35.22 10.35
C PRO F 36 -7.57 -35.09 8.99
N LEU F 37 -6.79 -36.07 8.56
CA LEU F 37 -6.16 -35.99 7.26
C LEU F 37 -7.24 -36.09 6.19
N LEU F 38 -8.22 -36.95 6.42
CA LEU F 38 -9.27 -37.13 5.43
C LEU F 38 -10.22 -35.95 5.47
N ASN F 39 -10.26 -35.23 6.58
CA ASN F 39 -11.11 -34.06 6.66
C ASN F 39 -10.41 -32.94 5.93
N LEU F 40 -9.09 -32.98 5.90
CA LEU F 40 -8.33 -31.96 5.22
C LEU F 40 -8.31 -32.21 3.74
N MET F 41 -8.11 -33.47 3.35
CA MET F 41 -8.01 -33.88 1.95
C MET F 41 -9.27 -34.04 1.12
N LEU F 42 -10.40 -34.40 1.73
CA LEU F 42 -11.66 -34.55 0.98
C LEU F 42 -12.66 -33.46 1.33
N THR F 43 -13.63 -33.21 0.46
CA THR F 43 -14.60 -32.19 0.77
C THR F 43 -15.72 -32.91 1.48
N PRO F 44 -16.64 -32.18 2.12
CA PRO F 44 -17.74 -32.83 2.83
C PRO F 44 -18.57 -33.72 1.92
N ASP F 45 -18.78 -33.24 0.70
CA ASP F 45 -19.55 -33.93 -0.31
C ASP F 45 -18.92 -35.26 -0.78
N GLU F 46 -17.61 -35.30 -0.83
CA GLU F 46 -16.89 -36.50 -1.23
C GLU F 46 -17.01 -37.54 -0.14
N ARG F 47 -16.89 -37.11 1.11
CA ARG F 47 -17.02 -38.02 2.22
C ARG F 47 -18.37 -38.67 2.23
N GLU F 48 -19.43 -37.89 2.03
CA GLU F 48 -20.77 -38.44 1.99
C GLU F 48 -21.02 -39.43 0.83
N ALA F 49 -20.59 -39.07 -0.38
CA ALA F 49 -20.75 -39.91 -1.55
C ALA F 49 -20.09 -41.23 -1.23
N LEU F 50 -18.94 -41.18 -0.55
CA LEU F 50 -18.20 -42.38 -0.16
C LEU F 50 -18.99 -43.21 0.84
N GLY F 51 -19.73 -42.55 1.73
CA GLY F 51 -20.53 -43.29 2.67
C GLY F 51 -21.50 -44.16 1.87
N THR F 52 -22.23 -43.53 0.96
CA THR F 52 -23.19 -44.22 0.13
C THR F 52 -22.59 -45.38 -0.67
N ARG F 53 -21.41 -45.20 -1.24
CA ARG F 53 -20.79 -46.25 -2.03
C ARG F 53 -20.44 -47.47 -1.22
N VAL F 54 -20.01 -47.33 0.02
CA VAL F 54 -19.72 -48.54 0.77
C VAL F 54 -20.97 -49.32 1.01
N ARG F 55 -22.07 -48.65 1.32
CA ARG F 55 -23.36 -49.31 1.56
C ARG F 55 -23.75 -50.05 0.31
N ILE F 56 -23.67 -49.37 -0.81
CA ILE F 56 -24.04 -49.97 -2.06
C ILE F 56 -23.23 -51.22 -2.29
N VAL F 57 -21.92 -51.11 -2.18
CA VAL F 57 -21.04 -52.24 -2.42
C VAL F 57 -21.36 -53.37 -1.46
N GLU F 58 -21.54 -53.06 -0.19
CA GLU F 58 -21.84 -54.06 0.81
C GLU F 58 -23.15 -54.81 0.49
N GLU F 59 -24.23 -54.06 0.30
CA GLU F 59 -25.54 -54.65 0.01
C GLU F 59 -25.59 -55.42 -1.27
N LEU F 60 -24.81 -54.99 -2.24
CA LEU F 60 -24.79 -55.69 -3.50
C LEU F 60 -24.21 -57.08 -3.30
N LEU F 61 -23.06 -57.14 -2.63
CA LEU F 61 -22.40 -58.41 -2.38
C LEU F 61 -23.34 -59.27 -1.55
N ARG F 62 -24.03 -58.61 -0.61
CA ARG F 62 -24.96 -59.24 0.32
C ARG F 62 -26.07 -59.85 -0.46
N GLY F 63 -26.48 -59.17 -1.52
CA GLY F 63 -27.56 -59.63 -2.37
C GLY F 63 -28.86 -60.02 -1.65
N GLU F 64 -29.20 -59.37 -0.56
CA GLU F 64 -30.44 -59.75 0.09
C GLU F 64 -31.61 -58.84 -0.32
N MET F 65 -31.35 -57.85 -1.17
CA MET F 65 -32.41 -56.96 -1.60
C MET F 65 -32.24 -56.57 -3.06
N SER F 66 -33.33 -56.37 -3.78
CA SER F 66 -33.25 -56.00 -5.17
C SER F 66 -32.56 -54.66 -5.23
N GLN F 67 -32.10 -54.25 -6.40
CA GLN F 67 -31.42 -52.95 -6.53
C GLN F 67 -32.40 -51.79 -6.39
N ARG F 68 -33.67 -52.07 -6.71
CA ARG F 68 -34.69 -51.07 -6.59
C ARG F 68 -34.93 -50.80 -5.11
N GLU F 69 -34.82 -51.83 -4.28
CA GLU F 69 -34.99 -51.61 -2.83
C GLU F 69 -33.84 -50.81 -2.27
N LEU F 70 -32.62 -51.22 -2.62
CA LEU F 70 -31.38 -50.58 -2.18
C LEU F 70 -31.49 -49.10 -2.47
N LYS F 71 -31.96 -48.75 -3.66
CA LYS F 71 -32.09 -47.36 -4.07
C LYS F 71 -33.06 -46.59 -3.18
N ASN F 72 -34.06 -47.28 -2.68
CA ASN F 72 -35.04 -46.64 -1.82
C ASN F 72 -34.53 -46.43 -0.42
N GLU F 73 -33.88 -47.45 0.07
CA GLU F 73 -33.30 -47.41 1.38
C GLU F 73 -32.28 -46.27 1.45
N LEU F 74 -31.39 -46.19 0.48
CA LEU F 74 -30.34 -45.16 0.44
C LEU F 74 -30.74 -43.78 -0.15
N GLY F 75 -31.88 -43.72 -0.82
CA GLY F 75 -32.26 -42.47 -1.42
C GLY F 75 -31.33 -42.16 -2.58
N ALA F 76 -30.87 -43.22 -3.23
CA ALA F 76 -29.94 -43.10 -4.34
C ALA F 76 -30.62 -43.21 -5.73
N GLY F 77 -29.90 -42.84 -6.78
CA GLY F 77 -30.42 -42.94 -8.12
C GLY F 77 -30.09 -44.36 -8.49
N ILE F 78 -30.74 -44.93 -9.50
CA ILE F 78 -30.39 -46.28 -9.81
C ILE F 78 -29.04 -46.29 -10.53
N ALA F 79 -28.69 -45.16 -11.14
CA ALA F 79 -27.44 -45.05 -11.87
C ALA F 79 -26.25 -45.34 -11.00
N THR F 80 -26.35 -44.89 -9.75
CA THR F 80 -25.33 -45.01 -8.73
C THR F 80 -25.16 -46.43 -8.26
N ILE F 81 -26.22 -47.24 -8.30
CA ILE F 81 -26.12 -48.65 -7.90
C ILE F 81 -25.45 -49.43 -9.05
N THR F 82 -25.77 -49.04 -10.28
CA THR F 82 -25.21 -49.65 -11.48
C THR F 82 -23.70 -49.37 -11.52
N ARG F 83 -23.27 -48.16 -11.14
CA ARG F 83 -21.84 -47.85 -11.11
C ARG F 83 -21.15 -48.77 -10.13
N GLY F 84 -21.77 -49.02 -8.98
CA GLY F 84 -21.19 -49.93 -8.02
C GLY F 84 -21.19 -51.32 -8.58
N SER F 85 -22.31 -51.74 -9.16
CA SER F 85 -22.43 -53.06 -9.74
C SER F 85 -21.39 -53.34 -10.79
N ASN F 86 -21.19 -52.43 -11.74
CA ASN F 86 -20.22 -52.67 -12.80
C ASN F 86 -18.78 -52.65 -12.32
N SER F 87 -18.51 -51.79 -11.34
CA SER F 87 -17.18 -51.66 -10.73
C SER F 87 -16.83 -52.94 -9.98
N LEU F 88 -17.82 -53.46 -9.26
CA LEU F 88 -17.66 -54.67 -8.50
C LEU F 88 -17.31 -55.79 -9.47
N LYS F 89 -17.93 -55.79 -10.64
CA LYS F 89 -17.66 -56.84 -11.65
C LYS F 89 -16.19 -56.84 -12.04
N ALA F 90 -15.59 -55.66 -12.04
CA ALA F 90 -14.20 -55.48 -12.44
C ALA F 90 -13.18 -55.65 -11.31
N ALA F 91 -13.66 -55.63 -10.07
CA ALA F 91 -12.78 -55.78 -8.94
C ALA F 91 -12.08 -57.13 -8.99
N PRO F 92 -10.84 -57.20 -8.45
CA PRO F 92 -10.14 -58.48 -8.48
C PRO F 92 -10.85 -59.49 -7.60
N VAL F 93 -10.71 -60.76 -7.93
CA VAL F 93 -11.31 -61.82 -7.15
C VAL F 93 -10.93 -61.69 -5.67
N GLU F 94 -9.67 -61.43 -5.41
CA GLU F 94 -9.17 -61.28 -4.05
C GLU F 94 -9.97 -60.24 -3.29
N LEU F 95 -10.16 -59.08 -3.88
CA LEU F 95 -10.89 -58.00 -3.26
C LEU F 95 -12.34 -58.37 -3.01
N ARG F 96 -13.01 -58.88 -4.02
CA ARG F 96 -14.41 -59.26 -3.85
C ARG F 96 -14.60 -60.24 -2.71
N GLN F 97 -13.77 -61.27 -2.67
CA GLN F 97 -13.91 -62.25 -1.60
C GLN F 97 -13.51 -61.74 -0.22
N TRP F 98 -12.58 -60.78 -0.15
CA TRP F 98 -12.20 -60.24 1.16
C TRP F 98 -13.35 -59.31 1.65
N LEU F 99 -13.95 -58.60 0.71
CA LEU F 99 -15.07 -57.73 1.03
C LEU F 99 -16.25 -58.54 1.59
N GLU F 100 -16.59 -59.65 0.96
CA GLU F 100 -17.68 -60.48 1.46
C GLU F 100 -17.41 -61.03 2.85
N GLU F 101 -16.19 -60.83 3.37
CA GLU F 101 -15.89 -61.32 4.68
C GLU F 101 -16.01 -60.15 5.63
N VAL F 102 -15.20 -59.14 5.44
CA VAL F 102 -15.25 -58.06 6.35
C VAL F 102 -16.60 -57.39 6.32
N LEU F 103 -17.10 -57.10 5.13
CA LEU F 103 -18.38 -56.41 4.99
C LEU F 103 -19.62 -57.24 5.26
N LEU F 104 -19.47 -58.57 5.46
CA LEU F 104 -20.64 -59.43 5.66
C LEU F 104 -20.66 -60.29 6.93
N LYS F 105 -20.92 -61.52 6.78
N ALA G 1 7.91 10.24 -4.54
CA ALA G 1 8.40 9.04 -3.81
C ALA G 1 8.19 7.91 -4.77
N GLN G 2 8.47 8.16 -6.05
CA GLN G 2 8.31 7.10 -7.05
C GLN G 2 9.65 6.69 -7.64
N GLN G 3 10.52 6.10 -6.81
CA GLN G 3 11.79 5.60 -7.29
C GLN G 3 12.66 6.78 -7.84
N SER G 4 12.79 7.86 -7.05
CA SER G 4 13.56 9.07 -7.41
C SER G 4 14.71 8.87 -8.43
N PRO G 5 14.41 9.00 -9.72
CA PRO G 5 15.60 8.78 -10.56
C PRO G 5 16.42 9.98 -11.03
N TYR G 6 15.88 11.20 -11.14
CA TYR G 6 16.62 12.38 -11.71
C TYR G 6 16.92 11.95 -13.18
N SER G 7 16.47 10.72 -13.50
CA SER G 7 16.70 10.07 -14.75
C SER G 7 16.21 10.87 -15.95
N ALA G 8 17.16 11.44 -16.71
CA ALA G 8 16.84 12.17 -17.96
C ALA G 8 15.84 11.26 -18.69
N ALA G 9 16.05 9.96 -18.46
CA ALA G 9 15.25 8.84 -18.96
C ALA G 9 13.81 9.17 -19.27
N MET G 10 12.97 8.97 -18.26
CA MET G 10 11.56 9.21 -18.48
C MET G 10 10.88 10.34 -17.69
N ALA G 11 11.66 11.23 -17.10
CA ALA G 11 11.03 12.34 -16.37
C ALA G 11 10.14 13.18 -17.31
N GLU G 12 10.04 12.76 -18.57
CA GLU G 12 9.21 13.44 -19.53
C GLU G 12 7.81 12.80 -19.56
N GLN G 13 7.70 11.48 -19.45
CA GLN G 13 6.38 10.85 -19.52
C GLN G 13 5.56 11.26 -18.35
N ARG G 14 6.08 10.97 -17.16
CA ARG G 14 5.38 11.33 -15.93
C ARG G 14 5.10 12.86 -15.99
N HIS G 15 6.00 13.59 -16.64
CA HIS G 15 5.82 14.99 -16.78
C HIS G 15 4.63 15.18 -17.69
N GLU G 16 4.58 14.40 -18.76
CA GLU G 16 3.49 14.46 -19.70
C GLU G 16 2.19 13.99 -19.06
N GLU G 17 2.29 13.12 -18.05
CA GLU G 17 1.08 12.64 -17.36
C GLU G 17 0.59 13.78 -16.49
N TRP G 18 1.55 14.47 -15.88
CA TRP G 18 1.27 15.63 -15.05
C TRP G 18 0.48 16.69 -15.86
N LEU G 19 0.95 16.97 -17.08
CA LEU G 19 0.31 17.94 -17.95
C LEU G 19 -1.11 17.52 -18.31
N ARG G 20 -1.36 16.21 -18.32
CA ARG G 20 -2.67 15.65 -18.58
C ARG G 20 -3.57 16.08 -17.39
N PHE G 21 -3.00 16.13 -16.20
CA PHE G 21 -3.73 16.54 -15.01
C PHE G 21 -4.03 18.01 -15.12
N VAL G 22 -3.01 18.81 -15.33
CA VAL G 22 -3.20 20.22 -15.46
C VAL G 22 -4.35 20.54 -16.40
N ASP G 23 -4.38 19.91 -17.57
CA ASP G 23 -5.44 20.18 -18.55
C ASP G 23 -6.84 19.70 -18.07
N LEU G 24 -6.92 18.52 -17.45
CA LEU G 24 -8.17 17.98 -16.93
C LEU G 24 -8.74 18.94 -15.91
N LEU G 25 -7.92 19.41 -14.97
CA LEU G 25 -8.36 20.34 -13.92
C LEU G 25 -8.89 21.64 -14.52
N LYS G 26 -8.27 22.05 -15.62
CA LYS G 26 -8.65 23.23 -16.36
C LYS G 26 -10.08 23.06 -16.78
N ASN G 27 -10.40 21.92 -17.38
CA ASN G 27 -11.76 21.61 -17.81
C ASN G 27 -12.72 21.60 -16.63
N ALA G 28 -12.28 20.95 -15.56
CA ALA G 28 -13.05 20.84 -14.32
C ALA G 28 -13.48 22.18 -13.87
N TYR G 29 -12.58 23.15 -13.79
CA TYR G 29 -12.97 24.49 -13.38
C TYR G 29 -14.03 25.07 -14.31
N GLN G 30 -13.83 24.87 -15.61
CA GLN G 30 -14.78 25.38 -16.58
C GLN G 30 -16.17 24.78 -16.48
N ASN G 31 -16.24 23.54 -16.01
CA ASN G 31 -17.50 22.86 -15.90
C ASN G 31 -17.99 22.81 -14.45
N ASP G 32 -17.34 23.56 -13.58
CA ASP G 32 -17.69 23.58 -12.17
C ASP G 32 -17.67 22.26 -11.43
N LEU G 33 -16.70 21.43 -11.78
CA LEU G 33 -16.50 20.13 -11.18
C LEU G 33 -15.11 20.03 -10.61
N HIS G 34 -14.46 21.17 -10.38
CA HIS G 34 -13.12 21.18 -9.83
C HIS G 34 -13.09 20.69 -8.42
N LEU G 35 -14.07 21.12 -7.62
CA LEU G 35 -14.10 20.72 -6.24
C LEU G 35 -14.14 19.19 -6.09
N PRO G 36 -15.15 18.51 -6.67
CA PRO G 36 -15.05 17.07 -6.48
C PRO G 36 -13.85 16.47 -7.15
N LEU G 37 -13.38 17.04 -8.26
CA LEU G 37 -12.22 16.47 -8.91
C LEU G 37 -11.03 16.56 -8.00
N LEU G 38 -10.88 17.69 -7.30
CA LEU G 38 -9.75 17.87 -6.38
C LEU G 38 -9.92 17.04 -5.10
N ASN G 39 -11.16 16.64 -4.80
CA ASN G 39 -11.41 15.83 -3.63
C ASN G 39 -11.09 14.41 -4.02
N LEU G 40 -11.18 14.10 -5.30
CA LEU G 40 -10.90 12.76 -5.80
C LEU G 40 -9.42 12.54 -5.99
N MET G 41 -8.77 13.54 -6.55
CA MET G 41 -7.35 13.51 -6.87
C MET G 41 -6.33 13.73 -5.77
N LEU G 42 -6.69 14.47 -4.71
CA LEU G 42 -5.75 14.75 -3.62
C LEU G 42 -6.21 14.07 -2.35
N THR G 43 -5.31 13.85 -1.42
CA THR G 43 -5.69 13.23 -0.17
C THR G 43 -6.00 14.38 0.79
N PRO G 44 -6.69 14.13 1.90
CA PRO G 44 -7.03 15.19 2.86
C PRO G 44 -5.86 16.02 3.31
N ASP G 45 -4.76 15.31 3.52
CA ASP G 45 -3.54 15.90 3.98
C ASP G 45 -2.85 16.83 2.97
N GLU G 46 -2.98 16.51 1.70
CA GLU G 46 -2.40 17.32 0.66
C GLU G 46 -3.20 18.61 0.57
N ARG G 47 -4.51 18.49 0.67
CA ARG G 47 -5.36 19.64 0.61
C ARG G 47 -5.01 20.62 1.69
N GLU G 48 -4.85 20.12 2.91
CA GLU G 48 -4.51 21.00 4.02
C GLU G 48 -3.13 21.63 3.90
N ALA G 49 -2.12 20.84 3.53
CA ALA G 49 -0.78 21.34 3.35
C ALA G 49 -0.81 22.50 2.37
N LEU G 50 -1.67 22.38 1.36
CA LEU G 50 -1.82 23.40 0.33
C LEU G 50 -2.44 24.65 0.91
N GLY G 51 -3.33 24.48 1.87
CA GLY G 51 -3.96 25.63 2.47
C GLY G 51 -2.90 26.47 3.13
N THR G 52 -2.05 25.81 3.89
CA THR G 52 -0.97 26.46 4.60
C THR G 52 0.04 27.10 3.69
N ARG G 53 0.28 26.52 2.53
CA ARG G 53 1.23 27.12 1.62
C ARG G 53 0.67 28.39 0.98
N VAL G 54 -0.61 28.47 0.69
CA VAL G 54 -1.07 29.73 0.13
C VAL G 54 -0.88 30.84 1.14
N ARG G 55 -1.15 30.56 2.42
CA ARG G 55 -1.00 31.56 3.49
C ARG G 55 0.45 32.02 3.56
N ILE G 56 1.35 31.07 3.61
CA ILE G 56 2.75 31.41 3.68
C ILE G 56 3.15 32.29 2.50
N VAL G 57 2.82 31.87 1.29
CA VAL G 57 3.19 32.64 0.12
C VAL G 57 2.56 34.00 0.15
N GLU G 58 1.32 34.08 0.63
CA GLU G 58 0.60 35.34 0.70
C GLU G 58 1.24 36.31 1.69
N GLU G 59 1.47 35.83 2.90
CA GLU G 59 2.05 36.64 3.96
C GLU G 59 3.49 37.06 3.71
N LEU G 60 4.24 36.25 2.99
CA LEU G 60 5.62 36.58 2.68
C LEU G 60 5.70 37.73 1.67
N LEU G 61 4.77 37.72 0.71
CA LEU G 61 4.73 38.74 -0.33
C LEU G 61 4.32 40.03 0.34
N ARG G 62 3.33 39.89 1.22
CA ARG G 62 2.73 40.96 2.01
C ARG G 62 3.83 41.55 2.86
N GLY G 63 4.71 40.69 3.34
CA GLY G 63 5.82 41.11 4.15
C GLY G 63 5.52 42.02 5.32
N GLU G 64 4.34 41.89 5.94
CA GLU G 64 4.02 42.75 7.08
C GLU G 64 4.37 42.13 8.40
N MET G 65 4.70 40.84 8.41
CA MET G 65 5.05 40.16 9.66
C MET G 65 6.32 39.31 9.51
N SER G 66 7.09 39.16 10.58
CA SER G 66 8.32 38.39 10.53
C SER G 66 7.94 36.97 10.25
N GLN G 67 8.91 36.13 9.93
CA GLN G 67 8.64 34.73 9.65
C GLN G 67 8.37 33.99 10.96
N ARG G 68 8.95 34.47 12.05
CA ARG G 68 8.77 33.89 13.39
C ARG G 68 7.27 34.08 13.75
N GLU G 69 6.68 35.19 13.30
CA GLU G 69 5.27 35.47 13.57
C GLU G 69 4.40 34.59 12.74
N LEU G 70 4.70 34.55 11.44
CA LEU G 70 3.97 33.75 10.46
C LEU G 70 3.85 32.32 10.96
N LYS G 71 4.96 31.80 11.45
CA LYS G 71 5.07 30.43 11.96
C LYS G 71 4.15 30.17 13.13
N ASN G 72 3.99 31.16 13.99
CA ASN G 72 3.11 31.05 15.16
C ASN G 72 1.64 31.14 14.75
N GLU G 73 1.37 32.10 13.86
CA GLU G 73 0.04 32.32 13.33
C GLU G 73 -0.44 31.00 12.72
N LEU G 74 0.37 30.46 11.81
CA LEU G 74 0.08 29.23 11.09
C LEU G 74 0.34 27.90 11.82
N GLY G 75 1.05 27.93 12.93
CA GLY G 75 1.36 26.69 13.63
C GLY G 75 2.23 25.79 12.76
N ALA G 76 3.12 26.43 11.99
CA ALA G 76 4.01 25.73 11.07
C ALA G 76 5.43 25.71 11.63
N GLY G 77 6.30 24.93 10.98
CA GLY G 77 7.68 24.85 11.37
C GLY G 77 8.34 25.91 10.53
N ILE G 78 9.44 26.45 10.99
CA ILE G 78 10.06 27.50 10.22
C ILE G 78 10.54 26.98 8.91
N ALA G 79 10.85 25.68 8.86
CA ALA G 79 11.36 25.06 7.63
C ALA G 79 10.41 25.20 6.48
N THR G 80 9.11 25.12 6.78
CA THR G 80 8.03 25.24 5.80
C THR G 80 7.94 26.65 5.26
N ILE G 81 8.30 27.66 6.06
CA ILE G 81 8.27 29.05 5.59
C ILE G 81 9.44 29.29 4.66
N THR G 82 10.59 28.72 5.02
CA THR G 82 11.81 28.79 4.21
C THR G 82 11.57 28.14 2.83
N ARG G 83 10.87 27.03 2.78
CA ARG G 83 10.57 26.41 1.49
C ARG G 83 9.75 27.36 0.67
N GLY G 84 8.78 28.03 1.29
CA GLY G 84 7.99 28.99 0.56
C GLY G 84 8.85 30.15 0.08
N SER G 85 9.66 30.67 0.98
CA SER G 85 10.55 31.78 0.71
C SER G 85 11.49 31.51 -0.47
N ASN G 86 12.15 30.36 -0.44
CA ASN G 86 13.08 30.04 -1.49
C ASN G 86 12.34 29.81 -2.79
N SER G 87 11.17 29.18 -2.68
CA SER G 87 10.37 28.89 -3.86
C SER G 87 9.97 30.17 -4.52
N LEU G 88 9.57 31.14 -3.73
CA LEU G 88 9.15 32.44 -4.23
C LEU G 88 10.29 33.14 -4.94
N LYS G 89 11.51 32.95 -4.43
CA LYS G 89 12.69 33.57 -5.03
C LYS G 89 12.85 33.05 -6.47
N ALA G 90 12.56 31.77 -6.66
CA ALA G 90 12.67 31.14 -7.96
C ALA G 90 11.47 31.36 -8.91
N ALA G 91 10.35 31.86 -8.40
CA ALA G 91 9.14 32.09 -9.19
C ALA G 91 9.38 33.16 -10.23
N PRO G 92 8.70 33.08 -11.38
CA PRO G 92 8.88 34.08 -12.44
C PRO G 92 8.43 35.43 -11.98
N VAL G 93 9.05 36.47 -12.51
CA VAL G 93 8.69 37.84 -12.17
C VAL G 93 7.18 38.04 -12.38
N GLU G 94 6.67 37.53 -13.50
CA GLU G 94 5.25 37.62 -13.87
C GLU G 94 4.35 37.06 -12.78
N LEU G 95 4.69 35.88 -12.28
CA LEU G 95 3.92 35.24 -11.23
C LEU G 95 3.96 36.05 -9.95
N ARG G 96 5.15 36.33 -9.42
CA ARG G 96 5.25 37.11 -8.20
C ARG G 96 4.47 38.39 -8.26
N GLN G 97 4.57 39.13 -9.35
CA GLN G 97 3.84 40.38 -9.45
C GLN G 97 2.32 40.26 -9.66
N TRP G 98 1.83 39.12 -10.14
CA TRP G 98 0.38 38.95 -10.27
C TRP G 98 -0.15 38.52 -8.91
N LEU G 99 0.63 37.71 -8.21
CA LEU G 99 0.27 37.23 -6.87
C LEU G 99 0.06 38.42 -5.95
N GLU G 100 0.96 39.39 -6.01
CA GLU G 100 0.90 40.59 -5.18
C GLU G 100 -0.32 41.43 -5.52
N GLU G 101 -1.02 41.07 -6.57
CA GLU G 101 -2.19 41.85 -6.95
C GLU G 101 -3.41 41.12 -6.44
N VAL G 102 -3.59 39.89 -6.90
CA VAL G 102 -4.73 39.11 -6.47
C VAL G 102 -4.58 38.82 -4.99
N LEU G 103 -3.44 38.29 -4.59
CA LEU G 103 -3.19 37.96 -3.18
C LEU G 103 -2.91 39.13 -2.26
N LEU G 104 -3.10 40.38 -2.69
CA LEU G 104 -2.86 41.52 -1.79
C LEU G 104 -3.81 42.74 -2.03
N LYS G 105 -3.35 43.89 -2.33
N ALA H 1 -0.02 14.91 6.52
CA ALA H 1 0.65 14.91 7.81
C ALA H 1 0.82 16.28 8.28
N GLN H 2 0.17 16.57 9.25
CA GLN H 2 0.29 17.85 9.75
C GLN H 2 -0.05 17.69 11.16
N GLN H 3 0.61 16.66 11.63
CA GLN H 3 0.49 16.19 12.96
C GLN H 3 -0.98 15.81 13.19
N SER H 4 -1.29 14.81 12.40
CA SER H 4 -2.54 14.03 12.32
C SER H 4 -3.59 14.30 13.43
N PRO H 5 -4.36 15.68 13.83
CA PRO H 5 -5.41 15.74 14.87
C PRO H 5 -6.74 15.03 14.60
N TYR H 6 -7.03 14.48 13.45
CA TYR H 6 -8.39 13.89 13.34
C TYR H 6 -9.27 14.82 14.18
N SER H 7 -9.07 16.11 14.77
CA SER H 7 -9.86 16.91 15.72
C SER H 7 -10.85 17.83 14.98
N ALA H 8 -12.13 17.46 15.06
CA ALA H 8 -13.20 18.26 14.42
C ALA H 8 -13.01 19.71 14.86
N ALA H 9 -12.25 19.80 15.95
CA ALA H 9 -11.89 21.07 16.59
C ALA H 9 -11.33 22.08 15.50
N MET H 10 -10.05 21.85 14.96
CA MET H 10 -9.41 22.76 13.85
C MET H 10 -9.00 21.99 12.57
N ALA H 11 -9.54 20.98 12.09
CA ALA H 11 -9.49 20.43 10.74
C ALA H 11 -10.28 21.43 9.91
N GLU H 12 -10.88 22.42 10.56
CA GLU H 12 -11.63 23.45 9.87
C GLU H 12 -10.77 24.58 9.35
N GLN H 13 -9.77 25.01 10.08
CA GLN H 13 -8.94 26.14 9.64
C GLN H 13 -8.14 25.69 8.46
N ARG H 14 -7.37 24.65 8.66
CA ARG H 14 -6.51 24.11 7.62
C ARG H 14 -7.40 23.86 6.42
N HIS H 15 -9.81 24.09 6.08
CA HIS H 15 -10.65 23.85 4.90
C HIS H 15 -10.90 25.16 4.19
N GLU H 16 -11.11 26.20 4.98
CA GLU H 16 -11.37 27.48 4.33
C GLU H 16 -10.11 28.00 3.63
N GLU H 17 -8.95 27.56 4.13
CA GLU H 17 -7.66 27.97 3.52
C GLU H 17 -7.45 27.19 2.24
N TRP H 18 -7.94 25.96 2.23
CA TRP H 18 -7.88 25.09 1.07
C TRP H 18 -8.76 25.72 -0.04
N LEU H 19 -9.93 26.22 0.35
CA LEU H 19 -10.84 26.85 -0.60
C LEU H 19 -10.20 28.10 -1.18
N ARG H 20 -9.41 28.80 -0.38
CA ARG H 20 -8.71 29.97 -0.85
C ARG H 20 -7.77 29.55 -1.98
N PHE H 21 -7.16 28.38 -1.87
CA PHE H 21 -6.29 27.85 -2.91
C PHE H 21 -7.10 27.51 -4.14
N VAL H 22 -8.19 26.78 -3.93
CA VAL H 22 -9.00 26.42 -5.04
C VAL H 22 -9.36 27.65 -5.84
N ASP H 23 -9.75 28.73 -5.19
CA ASP H 23 -10.12 29.96 -5.89
C ASP H 23 -8.96 30.68 -6.57
N LEU H 24 -7.81 30.74 -5.90
CA LEU H 24 -6.61 31.37 -6.45
C LEU H 24 -6.22 30.65 -7.72
N LEU H 25 -6.23 29.31 -7.70
CA LEU H 25 -5.86 28.53 -8.88
C LEU H 25 -6.81 28.81 -10.04
N LYS H 26 -8.08 28.95 -9.69
CA LYS H 26 -9.11 29.29 -10.64
C LYS H 26 -8.71 30.55 -11.40
N ASN H 27 -8.34 31.61 -10.69
CA ASN H 27 -7.92 32.83 -11.34
C ASN H 27 -6.68 32.64 -12.17
N ALA H 28 -5.76 31.85 -11.63
CA ALA H 28 -4.52 31.53 -12.29
C ALA H 28 -4.84 30.97 -13.62
N TYR H 29 -5.80 30.06 -13.72
CA TYR H 29 -6.13 29.48 -15.02
C TYR H 29 -6.60 30.51 -16.03
N GLN H 30 -7.41 31.43 -15.54
CA GLN H 30 -7.94 32.49 -16.34
C GLN H 30 -6.94 33.52 -16.78
N ASN H 31 -5.87 33.67 -16.03
CA ASN H 31 -4.83 34.60 -16.41
C ASN H 31 -3.63 33.90 -17.02
N ASP H 32 -3.73 32.62 -17.27
CA ASP H 32 -2.62 31.86 -17.81
C ASP H 32 -1.41 31.77 -16.93
N LEU H 33 -1.62 31.89 -15.63
CA LEU H 33 -0.55 31.80 -14.68
C LEU H 33 -0.65 30.58 -13.81
N HIS H 34 -1.40 29.58 -14.27
CA HIS H 34 -1.58 28.35 -13.51
C HIS H 34 -0.32 27.52 -13.47
N LEU H 35 0.41 27.44 -14.57
CA LEU H 35 1.63 26.66 -14.59
C LEU H 35 2.66 27.19 -13.57
N PRO H 36 3.02 28.49 -13.63
CA PRO H 36 3.98 28.86 -12.60
C PRO H 36 3.40 28.83 -11.21
N LEU H 37 2.08 28.98 -11.09
CA LEU H 37 1.49 28.95 -9.77
C LEU H 37 1.59 27.53 -9.25
N LEU H 38 1.40 26.55 -10.11
CA LEU H 38 1.48 25.15 -9.66
C LEU H 38 2.92 24.70 -9.43
N ASN H 39 3.88 25.40 -10.03
CA ASN H 39 5.27 25.08 -9.81
C ASN H 39 5.65 25.68 -8.48
N LEU H 40 4.98 26.74 -8.09
CA LEU H 40 5.29 27.41 -6.84
C LEU H 40 4.67 26.68 -5.68
N MET H 41 3.43 26.28 -5.85
CA MET H 41 2.64 25.63 -4.85
C MET H 41 2.86 24.14 -4.57
N LEU H 42 3.28 23.37 -5.56
CA LEU H 42 3.51 21.93 -5.38
C LEU H 42 4.96 21.59 -5.48
N THR H 43 5.36 20.48 -4.89
CA THR H 43 6.76 20.10 -4.97
C THR H 43 6.86 19.25 -6.21
N PRO H 44 8.07 18.99 -6.70
CA PRO H 44 8.26 18.17 -7.90
C PRO H 44 7.62 16.79 -7.75
N ASP H 45 7.78 16.20 -6.57
CA ASP H 45 7.25 14.90 -6.26
C ASP H 45 5.72 14.82 -6.29
N GLU H 46 5.07 15.90 -5.88
CA GLU H 46 3.63 15.96 -5.87
C GLU H 46 3.12 16.01 -7.30
N ARG H 47 3.76 16.84 -8.12
CA ARG H 47 3.36 16.93 -9.51
C ARG H 47 3.43 15.59 -10.17
N GLU H 48 4.53 14.88 -9.97
CA GLU H 48 4.68 13.54 -10.57
C GLU H 48 3.62 12.54 -10.06
N ALA H 49 3.40 12.49 -8.75
CA ALA H 49 2.42 11.57 -8.21
C ALA H 49 1.09 11.82 -8.87
N LEU H 50 0.81 13.10 -9.15
CA LEU H 50 -0.44 13.52 -9.79
C LEU H 50 -0.51 13.06 -11.23
N GLY H 51 0.62 13.01 -11.90
CA GLY H 51 0.60 12.54 -13.26
C GLY H 51 0.13 11.11 -13.24
N THR H 52 0.75 10.29 -12.39
CA THR H 52 0.39 8.89 -12.28
C THR H 52 -1.06 8.67 -11.90
N ARG H 53 -1.62 9.49 -11.04
CA ARG H 53 -3.01 9.32 -10.65
C ARG H 53 -3.97 9.62 -11.78
N VAL H 54 -3.69 10.57 -12.65
CA VAL H 54 -4.62 10.77 -13.75
C VAL H 54 -4.64 9.54 -14.66
N ARG H 55 -3.47 8.99 -15.00
CA ARG H 55 -3.40 7.79 -15.85
C ARG H 55 -4.21 6.69 -15.19
N ILE H 56 -3.95 6.43 -13.93
CA ILE H 56 -4.67 5.41 -13.23
C ILE H 56 -6.16 5.60 -13.36
N VAL H 57 -6.66 6.78 -13.00
CA VAL H 57 -8.09 7.05 -13.08
C VAL H 57 -8.59 6.90 -14.49
N GLU H 58 -7.86 7.40 -15.47
CA GLU H 58 -8.26 7.29 -16.87
C GLU H 58 -8.38 5.83 -17.32
N GLU H 59 -7.32 5.06 -17.13
CA GLU H 59 -7.29 3.68 -17.53
C GLU H 59 -8.32 2.81 -16.83
N LEU H 60 -8.58 3.11 -15.57
CA LEU H 60 -9.55 2.34 -14.80
C LEU H 60 -10.93 2.50 -15.38
N LEU H 61 -11.27 3.74 -15.74
CA LEU H 61 -12.58 4.05 -16.32
C LEU H 61 -12.62 3.36 -17.68
N ARG H 62 -11.49 3.45 -18.38
CA ARG H 62 -11.31 2.89 -19.71
C ARG H 62 -11.53 1.41 -19.63
N GLY H 63 -11.08 0.81 -18.52
CA GLY H 63 -11.24 -0.61 -18.32
C GLY H 63 -10.77 -1.51 -19.45
N GLU H 64 -9.73 -1.12 -20.18
CA GLU H 64 -9.29 -1.99 -21.26
C GLU H 64 -8.12 -2.89 -20.83
N MET H 65 -7.67 -2.73 -19.60
CA MET H 65 -6.56 -3.54 -19.14
C MET H 65 -6.72 -3.91 -17.69
N SER H 66 -6.27 -5.09 -17.30
CA SER H 66 -6.36 -5.53 -15.92
C SER H 66 -5.55 -4.56 -15.12
N GLN H 67 -5.74 -4.57 -13.80
CA GLN H 67 -5.02 -3.66 -12.93
C GLN H 67 -3.57 -4.09 -12.83
N ARG H 68 -3.32 -5.38 -12.99
CA ARG H 68 -1.97 -5.85 -12.93
C ARG H 68 -1.20 -5.28 -14.13
N GLU H 69 -1.86 -5.16 -15.27
CA GLU H 69 -1.21 -4.58 -16.46
C GLU H 69 -0.91 -3.12 -16.26
N LEU H 70 -1.91 -2.39 -15.76
CA LEU H 70 -1.80 -0.95 -15.51
C LEU H 70 -0.59 -0.67 -14.63
N LYS H 71 -0.41 -1.51 -13.62
CA LYS H 71 0.67 -1.37 -12.67
C LYS H 71 2.01 -1.54 -13.36
N ASN H 72 2.05 -2.38 -14.39
CA ASN H 72 3.30 -2.64 -15.08
C ASN H 72 3.65 -1.53 -16.02
N GLU H 73 2.61 -1.06 -16.70
CA GLU H 73 2.75 0.00 -17.66
C GLU H 73 3.28 1.23 -16.95
N LEU H 74 2.64 1.60 -15.84
CA LEU H 74 2.98 2.75 -15.03
C LEU H 74 4.15 2.58 -14.04
N GLY H 75 4.53 1.35 -13.74
CA GLY H 75 5.61 1.12 -12.79
C GLY H 75 5.12 1.45 -11.39
N ALA H 76 3.83 1.23 -11.17
CA ALA H 76 3.19 1.53 -9.91
C ALA H 76 3.03 0.30 -8.99
N GLY H 77 2.63 0.54 -7.75
CA GLY H 77 2.41 -0.54 -6.83
C GLY H 77 0.95 -0.82 -7.06
N ILE H 78 0.47 -1.96 -6.65
CA ILE H 78 -0.92 -2.22 -6.88
C ILE H 78 -1.71 -1.40 -5.90
N ALA H 79 -1.12 -1.09 -4.76
CA ALA H 79 -1.81 -0.32 -3.72
C ALA H 79 -2.31 1.00 -4.26
N THR H 80 -1.50 1.60 -5.11
CA THR H 80 -1.79 2.88 -5.74
C THR H 80 -2.94 2.80 -6.72
N ILE H 81 -3.16 1.65 -7.35
CA ILE H 81 -4.28 1.48 -8.28
C ILE H 81 -5.56 1.31 -7.48
N THR H 82 -5.45 0.58 -6.37
CA THR H 82 -6.57 0.36 -5.45
C THR H 82 -7.03 1.70 -4.84
N ARG H 83 -6.12 2.59 -4.50
CA ARG H 83 -6.53 3.89 -3.97
C ARG H 83 -7.32 4.61 -5.04
N GLY H 84 -6.88 4.51 -6.28
CA GLY H 84 -7.62 5.15 -7.34
C GLY H 84 -8.99 4.50 -7.50
N SER H 85 -8.99 3.18 -7.50
CA SER H 85 -10.21 2.40 -7.64
C SER H 85 -11.27 2.71 -6.59
N ASN H 86 -10.86 2.76 -5.33
CA ASN H 86 -11.79 3.01 -4.26
C ASN H 86 -12.26 4.46 -4.29
N SER H 87 -11.36 5.35 -4.66
CA SER H 87 -11.69 6.76 -4.73
C SER H 87 -12.70 6.98 -5.83
N LEU H 88 -12.52 6.29 -6.93
CA LEU H 88 -13.42 6.43 -8.05
C LEU H 88 -14.81 5.94 -7.67
N LYS H 89 -14.85 4.92 -6.83
CA LYS H 89 -16.12 4.37 -6.35
C LYS H 89 -16.92 5.44 -5.61
N ALA H 90 -16.21 6.25 -4.85
CA ALA H 90 -16.84 7.32 -4.07
C ALA H 90 -17.10 8.63 -4.85
N ALA H 91 -16.56 8.76 -6.07
CA ALA H 91 -16.74 9.98 -6.83
C ALA H 91 -18.21 10.15 -7.17
N PRO H 92 -18.68 11.40 -7.29
CA PRO H 92 -20.08 11.62 -7.62
C PRO H 92 -20.35 11.13 -9.03
N VAL H 93 -21.56 10.69 -9.28
CA VAL H 93 -21.96 10.20 -10.59
C VAL H 93 -21.58 11.23 -11.68
N GLU H 94 -21.88 12.50 -11.44
CA GLU H 94 -21.59 13.58 -12.38
C GLU H 94 -20.13 13.57 -12.80
N LEU H 95 -19.23 13.50 -11.82
CA LEU H 95 -17.82 13.47 -12.06
C LEU H 95 -17.42 12.24 -12.86
N ARG H 96 -17.80 11.06 -12.37
CA ARG H 96 -17.43 9.86 -13.10
C ARG H 96 -17.86 9.91 -14.53
N GLN H 97 -19.07 10.34 -14.80
CA GLN H 97 -19.49 10.38 -16.17
C GLN H 97 -18.89 11.50 -17.02
N TRP H 98 -18.47 12.62 -16.41
CA TRP H 98 -17.85 13.67 -17.17
C TRP H 98 -16.43 13.20 -17.51
N LEU H 99 -15.80 12.47 -16.58
CA LEU H 99 -14.45 11.93 -16.78
C LEU H 99 -14.39 10.97 -17.95
N GLU H 100 -15.39 10.12 -18.06
CA GLU H 100 -15.46 9.17 -19.14
C GLU H 100 -15.64 9.86 -20.48
N GLU H 101 -15.91 11.13 -20.47
CA GLU H 101 -16.05 11.80 -21.75
C GLU H 101 -14.74 12.49 -22.04
N VAL H 102 -14.31 13.41 -21.18
CA VAL H 102 -13.06 14.09 -21.45
C VAL H 102 -11.87 13.14 -21.48
N LEU H 103 -11.74 12.28 -20.49
CA LEU H 103 -10.62 11.36 -20.44
C LEU H 103 -10.67 10.18 -21.41
N LEU H 104 -11.82 9.97 -22.09
CA LEU H 104 -11.95 8.81 -22.99
C LEU H 104 -12.30 9.06 -24.48
N LYS H 105 -13.23 8.35 -25.00
N ALA I 1 -4.58 -12.30 4.18
CA ALA I 1 -3.47 -12.06 3.22
C ALA I 1 -2.40 -11.43 4.05
N GLN I 2 -2.24 -11.89 5.30
CA GLN I 2 -1.22 -11.33 6.22
C GLN I 2 -0.10 -12.33 6.50
N GLN I 3 0.61 -12.75 5.43
CA GLN I 3 1.71 -13.68 5.58
C GLN I 3 1.17 -15.07 6.10
N SER I 4 0.17 -15.62 5.37
CA SER I 4 -0.47 -16.91 5.70
C SER I 4 0.41 -17.89 6.50
N PRO I 5 0.33 -17.88 7.85
CA PRO I 5 1.26 -18.88 8.38
C PRO I 5 0.74 -20.26 8.79
N TYR I 6 -0.54 -20.39 9.16
CA TYR I 6 -1.07 -21.66 9.69
C TYR I 6 -0.27 -21.89 11.02
N SER I 7 0.63 -20.93 11.32
CA SER I 7 1.53 -20.95 12.46
C SER I 7 0.83 -21.01 13.78
N ALA I 8 0.90 -22.19 14.40
CA ALA I 8 0.33 -22.37 15.73
C ALA I 8 0.81 -21.14 16.49
N ALA I 9 2.04 -20.75 16.11
CA ALA I 9 2.78 -19.61 16.64
C ALA I 9 1.90 -18.53 17.26
N MET I 10 1.46 -17.58 16.42
CA MET I 10 0.64 -16.49 16.92
C MET I 10 -0.80 -16.35 16.40
N ALA I 11 -1.37 -17.40 15.82
CA ALA I 11 -2.75 -17.31 15.35
C ALA I 11 -3.69 -17.04 16.53
N GLU I 12 -3.12 -16.93 17.74
CA GLU I 12 -3.91 -16.62 18.91
C GLU I 12 -3.99 -15.10 19.09
N GLN I 13 -2.88 -14.38 18.91
CA GLN I 13 -2.90 -12.90 19.13
C GLN I 13 -3.90 -12.28 18.22
N ARG I 14 -3.66 -12.45 16.91
CA ARG I 14 -4.52 -11.91 15.87
C ARG I 14 -5.96 -12.44 16.14
N HIS I 15 -6.03 -13.60 16.78
CA HIS I 15 -7.32 -14.13 17.10
C HIS I 15 -7.87 -13.31 18.23
N GLU I 16 -7.03 -12.99 19.19
CA GLU I 16 -7.45 -12.19 20.32
C GLU I 16 -7.74 -10.75 19.90
N GLU I 17 -7.11 -10.30 18.79
CA GLU I 17 -7.34 -8.94 18.25
C GLU I 17 -8.71 -8.98 17.59
N TRP I 18 -8.97 -10.07 16.89
CA TRP I 18 -10.26 -10.27 16.26
C TRP I 18 -11.38 -10.20 17.33
N LEU I 19 -11.19 -10.89 18.47
CA LEU I 19 -12.19 -10.88 19.59
C LEU I 19 -12.41 -9.48 20.16
N ARG I 20 -11.39 -8.64 20.08
CA ARG I 20 -11.45 -7.24 20.51
C ARG I 20 -12.44 -6.53 19.56
N PHE I 21 -12.44 -6.92 18.29
CA PHE I 21 -13.34 -6.34 17.32
C PHE I 21 -14.75 -6.78 17.67
N VAL I 22 -14.94 -8.09 17.77
CA VAL I 22 -16.25 -8.62 18.11
C VAL I 22 -16.85 -7.88 19.29
N ASP I 23 -16.08 -7.65 20.35
CA ASP I 23 -16.60 -6.97 21.54
C ASP I 23 -16.91 -5.49 21.31
N LEU I 24 -16.05 -4.82 20.55
CA LEU I 24 -16.28 -3.42 20.24
C LEU I 24 -17.55 -3.24 19.45
N LEU I 25 -17.73 -4.06 18.42
CA LEU I 25 -18.94 -3.99 17.60
C LEU I 25 -20.18 -4.21 18.48
N LYS I 26 -20.05 -5.11 19.46
CA LYS I 26 -21.11 -5.44 20.41
C LYS I 26 -21.56 -4.17 21.09
N ASN I 27 -20.60 -3.41 21.60
CA ASN I 27 -20.87 -2.15 22.26
C ASN I 27 -21.53 -1.19 21.28
N ALA I 28 -20.97 -1.12 20.07
CA ALA I 28 -21.50 -0.26 19.03
C ALA I 28 -22.97 -0.51 18.84
N TYR I 29 -23.37 -1.76 18.64
CA TYR I 29 -24.79 -2.02 18.47
C TYR I 29 -25.58 -1.48 19.62
N GLN I 30 -25.09 -1.68 20.84
CA GLN I 30 -25.79 -1.23 22.04
C GLN I 30 -25.95 0.23 22.17
N ASN I 31 -25.03 0.97 21.57
CA ASN I 31 -25.04 2.41 21.61
C ASN I 31 -25.49 3.01 20.27
N ASP I 32 -25.96 2.15 19.38
CA ASP I 32 -26.42 2.60 18.08
C ASP I 32 -25.41 3.29 17.20
N LEU I 33 -24.17 2.85 17.32
CA LEU I 33 -23.07 3.39 16.54
C LEU I 33 -22.46 2.31 15.69
N HIS I 34 -23.22 1.23 15.47
CA HIS I 34 -22.73 0.13 14.67
C HIS I 34 -22.60 0.48 13.23
N LEU I 35 -23.56 1.21 12.71
CA LEU I 35 -23.49 1.60 11.33
C LEU I 35 -22.19 2.41 11.02
N PRO I 36 -21.93 3.52 11.73
CA PRO I 36 -20.66 4.15 11.32
C PRO I 36 -19.43 3.33 11.65
N LEU I 37 -19.48 2.54 12.71
CA LEU I 37 -18.34 1.72 13.06
C LEU I 37 -18.04 0.74 11.94
N LEU I 38 -19.09 0.15 11.38
CA LEU I 38 -18.94 -0.80 10.29
C LEU I 38 -18.54 -0.12 8.98
N ASN I 39 -18.81 1.19 8.87
CA ASN I 39 -18.43 1.93 7.69
C ASN I 39 -16.98 2.30 7.85
N LEU I 40 -16.52 2.41 9.08
CA LEU I 40 -15.15 2.76 9.33
C LEU I 40 -14.28 1.54 9.21
N MET I 41 -14.75 0.44 9.77
CA MET I 41 -14.01 -0.80 9.79
C MET I 41 -13.95 -1.67 8.54
N LEU I 42 -14.95 -1.63 7.67
CA LEU I 42 -14.93 -2.45 6.45
C LEU I 42 -14.79 -1.58 5.22
N THR I 43 -14.37 -2.16 4.12
CA THR I 43 -14.25 -1.39 2.90
C THR I 43 -15.58 -1.57 2.16
N PRO I 44 -15.89 -0.73 1.15
CA PRO I 44 -17.16 -0.83 0.38
C PRO I 44 -17.43 -2.20 -0.19
N ASP I 45 -16.38 -2.77 -0.69
CA ASP I 45 -16.44 -4.08 -1.29
C ASP I 45 -16.77 -5.24 -0.31
N GLU I 46 -16.26 -5.16 0.91
CA GLU I 46 -16.52 -6.18 1.92
C GLU I 46 -17.97 -6.06 2.34
N ARG I 47 -18.47 -4.86 2.45
CA ARG I 47 -19.85 -4.70 2.81
C ARG I 47 -20.75 -5.34 1.79
N GLU I 48 -20.46 -5.09 0.52
CA GLU I 48 -21.27 -5.67 -0.55
C GLU I 48 -21.22 -7.21 -0.64
N ALA I 49 -20.02 -7.76 -0.55
CA ALA I 49 -19.82 -9.21 -0.57
C ALA I 49 -20.64 -9.84 0.56
N LEU I 50 -20.69 -9.14 1.69
CA LEU I 50 -21.45 -9.59 2.84
C LEU I 50 -22.92 -9.53 2.58
N GLY I 51 -23.36 -8.56 1.79
CA GLY I 51 -24.76 -8.50 1.46
C GLY I 51 -25.14 -9.76 0.72
N THR I 52 -24.34 -10.13 -0.29
CA THR I 52 -24.55 -11.33 -1.12
C THR I 52 -24.46 -12.62 -0.34
N ARG I 53 -23.59 -12.69 0.64
CA ARG I 53 -23.50 -13.89 1.42
C ARG I 53 -24.75 -14.13 2.27
N VAL I 54 -25.36 -13.09 2.83
CA VAL I 54 -26.55 -13.33 3.63
C VAL I 54 -27.61 -13.89 2.75
N ARG I 55 -27.71 -13.38 1.52
CA ARG I 55 -28.72 -13.85 0.57
C ARG I 55 -28.48 -15.31 0.24
N ILE I 56 -27.26 -15.65 -0.08
CA ILE I 56 -26.94 -17.01 -0.40
C ILE I 56 -27.30 -17.93 0.76
N VAL I 57 -26.84 -17.59 1.95
CA VAL I 57 -27.12 -18.40 3.12
C VAL I 57 -28.62 -18.53 3.40
N GLU I 58 -29.35 -17.44 3.21
CA GLU I 58 -30.78 -17.44 3.46
C GLU I 58 -31.48 -18.36 2.48
N GLU I 59 -31.19 -18.17 1.20
CA GLU I 59 -31.82 -18.93 0.12
C GLU I 59 -31.50 -20.41 0.10
N LEU I 60 -30.32 -20.77 0.58
CA LEU I 60 -29.93 -22.17 0.64
C LEU I 60 -30.71 -22.92 1.77
N LEU I 61 -30.95 -22.23 2.88
CA LEU I 61 -31.65 -22.80 4.00
C LEU I 61 -33.08 -22.96 3.59
N ARG I 62 -33.56 -21.92 2.90
CA ARG I 62 -34.92 -21.86 2.38
C ARG I 62 -35.10 -23.01 1.42
N GLY I 63 -34.05 -23.30 0.65
CA GLY I 63 -34.06 -24.36 -0.32
C GLY I 63 -35.21 -24.40 -1.28
N GLU I 64 -35.76 -23.25 -1.67
CA GLU I 64 -36.88 -23.23 -2.62
C GLU I 64 -36.44 -23.06 -4.06
N MET I 65 -35.18 -22.71 -4.27
CA MET I 65 -34.69 -22.55 -5.64
C MET I 65 -33.36 -23.29 -5.85
N SER I 66 -33.09 -23.77 -7.07
CA SER I 66 -31.82 -24.47 -7.34
C SER I 66 -30.68 -23.48 -7.19
N GLN I 67 -29.45 -23.97 -7.12
CA GLN I 67 -28.29 -23.10 -6.98
C GLN I 67 -28.00 -22.35 -8.29
N ARG I 68 -28.37 -22.96 -9.41
CA ARG I 68 -28.22 -22.35 -10.71
C ARG I 68 -29.11 -21.09 -10.72
N GLU I 69 -30.28 -21.19 -10.08
CA GLU I 69 -31.21 -20.07 -10.01
C GLU I 69 -30.65 -19.00 -9.15
N LEU I 70 -30.24 -19.39 -7.94
CA LEU I 70 -29.69 -18.47 -6.95
C LEU I 70 -28.63 -17.62 -7.59
N LYS I 71 -27.75 -18.28 -8.32
CA LYS I 71 -26.64 -17.66 -8.99
C LYS I 71 -27.07 -16.60 -9.99
N ASN I 72 -28.18 -16.82 -10.67
CA ASN I 72 -28.67 -15.85 -11.65
C ASN I 72 -29.35 -14.68 -10.95
N GLU I 73 -30.11 -15.01 -9.92
CA GLU I 73 -30.81 -14.02 -9.16
C GLU I 73 -29.77 -13.03 -8.60
N LEU I 74 -28.72 -13.56 -7.97
CA LEU I 74 -27.67 -12.76 -7.35
C LEU I 74 -26.55 -12.28 -8.25
N GLY I 75 -26.47 -12.79 -9.47
CA GLY I 75 -25.40 -12.38 -10.33
C GLY I 75 -24.08 -12.81 -9.75
N ALA I 76 -24.05 -13.96 -9.10
CA ALA I 76 -22.85 -14.53 -8.47
C ALA I 76 -22.25 -15.68 -9.28
N GLY I 77 -21.07 -16.12 -8.90
CA GLY I 77 -20.45 -17.24 -9.58
C GLY I 77 -20.93 -18.44 -8.82
N ILE I 78 -20.92 -19.61 -9.42
CA ILE I 78 -21.41 -20.77 -8.68
C ILE I 78 -20.50 -21.09 -7.51
N ALA I 79 -19.22 -20.75 -7.67
CA ALA I 79 -18.22 -21.01 -6.66
C ALA I 79 -18.58 -20.36 -5.34
N THR I 80 -19.17 -19.16 -5.39
CA THR I 80 -19.59 -18.40 -4.20
C THR I 80 -20.76 -19.08 -3.49
N ILE I 81 -21.64 -19.78 -4.22
CA ILE I 81 -22.77 -20.46 -3.58
C ILE I 81 -22.22 -21.69 -2.86
N THR I 82 -21.30 -22.38 -3.53
CA THR I 82 -20.66 -23.56 -2.97
C THR I 82 -19.93 -23.19 -1.66
N ARG I 83 -19.25 -22.05 -1.62
CA ARG I 83 -18.61 -21.64 -0.37
C ARG I 83 -19.67 -21.50 0.69
N GLY I 84 -20.81 -20.92 0.37
CA GLY I 84 -21.87 -20.78 1.35
C GLY I 84 -22.38 -22.12 1.80
N SER I 85 -22.63 -22.99 0.81
CA SER I 85 -23.14 -24.33 1.04
C SER I 85 -22.23 -25.14 1.95
N ASN I 86 -20.95 -25.17 1.63
CA ASN I 86 -20.03 -25.92 2.44
C ASN I 86 -19.89 -25.31 3.84
N SER I 87 -19.93 -23.99 3.92
CA SER I 87 -19.81 -23.29 5.20
C SER I 87 -20.97 -23.60 6.06
N LEU I 88 -22.13 -23.70 5.46
CA LEU I 88 -23.34 -23.99 6.20
C LEU I 88 -23.28 -25.40 6.76
N LYS I 89 -22.64 -26.29 6.01
CA LYS I 89 -22.51 -27.69 6.41
C LYS I 89 -21.73 -27.79 7.68
N ALA I 90 -20.74 -26.91 7.80
CA ALA I 90 -19.88 -26.84 8.96
C ALA I 90 -20.42 -26.02 10.17
N ALA I 91 -21.49 -25.24 9.96
CA ALA I 91 -22.10 -24.40 11.01
C ALA I 91 -22.73 -25.27 12.11
N PRO I 92 -22.69 -24.79 13.35
CA PRO I 92 -23.28 -25.57 14.44
C PRO I 92 -24.77 -25.76 14.18
N VAL I 93 -25.33 -26.83 14.70
CA VAL I 93 -26.75 -27.12 14.57
C VAL I 93 -27.58 -25.95 15.14
N GLU I 94 -27.12 -25.37 16.25
CA GLU I 94 -27.78 -24.25 16.91
C GLU I 94 -27.91 -23.10 15.93
N LEU I 95 -26.81 -22.75 15.27
CA LEU I 95 -26.82 -21.66 14.33
C LEU I 95 -27.78 -21.90 13.17
N ARG I 96 -27.63 -23.03 12.48
CA ARG I 96 -28.47 -23.34 11.32
C ARG I 96 -29.94 -23.28 11.67
N GLN I 97 -30.31 -23.85 12.81
CA GLN I 97 -31.70 -23.83 13.22
C GLN I 97 -32.27 -22.46 13.68
N TRP I 98 -31.41 -21.55 14.12
CA TRP I 98 -31.84 -20.22 14.53
C TRP I 98 -31.96 -19.41 13.23
N LEU I 99 -31.02 -19.58 12.32
CA LEU I 99 -31.05 -18.89 11.04
C LEU I 99 -32.36 -19.21 10.34
N GLU I 100 -32.76 -20.47 10.38
CA GLU I 100 -34.00 -20.93 9.74
C GLU I 100 -35.24 -20.34 10.40
N GLU I 101 -35.05 -19.66 11.51
CA GLU I 101 -36.17 -19.06 12.19
C GLU I 101 -36.21 -17.59 11.84
N VAL I 102 -35.14 -16.86 12.16
CA VAL I 102 -35.09 -15.43 11.87
C VAL I 102 -35.01 -15.19 10.37
N LEU I 103 -34.15 -15.93 9.67
CA LEU I 103 -34.02 -15.78 8.23
C LEU I 103 -35.11 -16.50 7.40
N LEU I 104 -36.18 -16.99 8.02
CA LEU I 104 -37.21 -17.65 7.20
C LEU I 104 -38.61 -17.45 7.77
N LYS I 105 -39.25 -18.43 8.23
N ALA J 1 -14.44 -6.35 -4.57
CA ALA J 1 -14.39 -6.78 -5.97
C ALA J 1 -15.59 -7.54 -6.30
N GLN J 2 -16.33 -7.01 -7.08
CA GLN J 2 -17.47 -7.66 -7.45
C GLN J 2 -17.77 -7.12 -8.76
N GLN J 3 -16.68 -7.15 -9.47
CA GLN J 3 -16.57 -6.66 -10.80
C GLN J 3 -16.96 -5.18 -10.78
N SER J 4 -16.08 -4.52 -10.08
CA SER J 4 -15.97 -3.07 -9.84
C SER J 4 -16.88 -2.16 -10.69
N PRO J 5 -18.52 -2.11 -10.77
CA PRO J 5 -19.25 -1.11 -11.57
C PRO J 5 -19.20 0.36 -11.13
N TYR J 6 -18.62 0.74 -10.01
CA TYR J 6 -18.72 2.19 -9.71
C TYR J 6 -20.07 2.61 -10.26
N SER J 7 -21.23 1.88 -10.72
CA SER J 7 -22.47 2.29 -11.39
C SER J 7 -23.57 2.62 -10.38
N ALA J 8 -23.86 3.91 -10.24
CA ALA J 8 -24.92 4.38 -9.32
C ALA J 8 -26.17 3.57 -9.63
N ALA J 9 -26.12 2.99 -10.81
CA ALA J 9 -27.17 2.14 -11.36
C ALA J 9 -27.59 1.05 -10.29
N MET J 10 -26.69 -0.02 -10.04
CA MET J 10 -26.98 -1.15 -8.99
C MET J 10 -25.87 -1.29 -7.90
N ALA J 11 -25.14 -0.39 -7.45
CA ALA J 11 -24.38 -0.31 -6.21
C ALA J 11 -25.45 -0.21 -5.13
N GLU J 12 -26.71 -0.08 -5.52
CA GLU J 12 -27.81 -0.01 -4.60
C GLU J 12 -28.29 -1.36 -4.12
N GLN J 13 -28.36 -2.37 -4.98
CA GLN J 13 -28.87 -3.67 -4.58
C GLN J 13 -27.89 -4.29 -3.64
N ARG J 14 -26.67 -4.44 -4.11
CA ARG J 14 -25.60 -5.03 -3.33
C ARG J 14 -25.56 -4.28 -2.01
N HIS J 15 -26.80 -2.32 -1.11
CA HIS J 15 -26.79 -1.59 0.16
C HIS J 15 -27.89 -2.05 1.09
N GLU J 16 -29.05 -2.31 0.52
CA GLU J 16 -30.13 -2.78 1.34
C GLU J 16 -29.87 -4.21 1.79
N GLU J 17 -29.03 -4.93 1.04
CA GLU J 17 -28.68 -6.31 1.39
C GLU J 17 -27.66 -6.25 2.54
N TRP J 18 -26.79 -5.26 2.49
CA TRP J 18 -25.81 -5.06 3.54
C TRP J 18 -26.53 -4.73 4.85
N LEU J 19 -27.60 -3.92 4.79
CA LEU J 19 -28.37 -3.55 5.98
C LEU J 19 -29.07 -4.76 6.54
N ARG J 20 -29.38 -5.71 5.68
CA ARG J 20 -30.04 -6.90 6.13
C ARG J 20 -29.03 -7.64 7.00
N PHE J 21 -27.76 -7.62 6.61
CA PHE J 21 -26.70 -8.26 7.39
C PHE J 21 -26.53 -7.55 8.74
N VAL J 22 -26.41 -6.23 8.69
CA VAL J 22 -26.25 -5.47 9.88
C VAL J 22 -27.37 -5.84 10.86
N ASP J 23 -28.60 -5.94 10.37
CA ASP J 23 -29.72 -6.30 11.26
C ASP J 23 -29.67 -7.73 11.78
N LEU J 24 -29.34 -8.68 10.93
CA LEU J 24 -29.22 -10.07 11.34
C LEU J 24 -28.13 -10.19 12.41
N LEU J 25 -26.98 -9.53 12.22
CA LEU J 25 -25.92 -9.63 13.21
C LEU J 25 -26.42 -9.10 14.55
N LYS J 26 -27.20 -8.04 14.46
CA LYS J 26 -27.80 -7.42 15.63
C LYS J 26 -28.55 -8.44 16.46
N ASN J 27 -29.42 -9.17 15.80
CA ASN J 27 -30.13 -10.20 16.52
C ASN J 27 -29.18 -11.24 17.07
N ALA J 28 -28.23 -11.64 16.25
CA ALA J 28 -27.26 -12.62 16.63
C ALA J 28 -26.65 -12.23 17.95
N TYR J 29 -26.26 -10.97 18.11
CA TYR J 29 -25.65 -10.56 19.37
C TYR J 29 -26.57 -10.76 20.54
N GLN J 30 -27.84 -10.48 20.29
CA GLN J 30 -28.86 -10.60 21.32
C GLN J 30 -29.18 -12.01 21.74
N ASN J 31 -29.01 -12.93 20.84
CA ASN J 31 -29.29 -14.32 21.13
C ASN J 31 -27.99 -15.10 21.39
N ASP J 32 -26.86 -14.38 21.44
CA ASP J 32 -25.58 -15.01 21.64
C ASP J 32 -25.12 -15.94 20.53
N LEU J 33 -25.56 -15.69 19.32
CA LEU J 33 -25.16 -16.52 18.20
C LEU J 33 -24.31 -15.73 17.25
N HIS J 34 -23.76 -14.62 17.73
CA HIS J 34 -22.93 -13.78 16.89
C HIS J 34 -21.63 -14.47 16.47
N LEU J 35 -21.01 -15.18 17.39
CA LEU J 35 -19.77 -15.88 17.08
C LEU J 35 -19.96 -16.91 15.95
N PRO J 36 -20.90 -17.87 16.11
CA PRO J 36 -20.97 -18.75 14.94
C PRO J 36 -21.46 -18.05 13.68
N LEU J 37 -22.28 -17.03 13.82
CA LEU J 37 -22.78 -16.33 12.66
C LEU J 37 -21.60 -15.69 11.96
N LEU J 38 -20.69 -15.10 12.74
CA LEU J 38 -19.52 -14.43 12.14
C LEU J 38 -18.52 -15.44 11.57
N ASN J 39 -18.60 -16.68 12.04
CA ASN J 39 -17.73 -17.72 11.54
C ASN J 39 -18.31 -18.19 10.23
N LEU J 40 -19.62 -18.15 10.13
CA LEU J 40 -20.27 -18.57 8.92
C LEU J 40 -20.13 -17.52 7.83
N MET J 41 -20.32 -16.26 8.21
CA MET J 41 -20.31 -15.12 7.30
C MET J 41 -18.98 -14.59 6.82
N LEU J 42 -17.92 -14.69 7.64
CA LEU J 42 -16.60 -14.17 7.23
C LEU J 42 -15.62 -15.28 6.98
N THR J 43 -14.59 -15.01 6.20
CA THR J 43 -13.61 -16.05 5.92
C THR J 43 -12.60 -15.88 7.04
N PRO J 44 -11.70 -16.82 7.23
CA PRO J 44 -10.70 -16.72 8.30
C PRO J 44 -9.83 -15.48 8.14
N ASP J 45 -9.46 -15.21 6.89
CA ASP J 45 -8.63 -14.09 6.50
C ASP J 45 -9.26 -12.72 6.83
N GLU J 46 -10.58 -12.62 6.68
CA GLU J 46 -11.29 -11.40 6.97
C GLU J 46 -11.32 -11.14 8.46
N ARG J 47 -11.52 -12.18 9.24
CA ARG J 47 -11.53 -12.05 10.67
C ARG J 47 -10.18 -11.55 11.14
N GLU J 48 -9.09 -12.17 10.69
CA GLU J 48 -7.75 -11.72 11.08
C GLU J 48 -7.49 -10.28 10.66
N ALA J 49 -7.81 -9.91 9.43
CA ALA J 49 -7.58 -8.54 8.98
C ALA J 49 -8.28 -7.59 9.94
N LEU J 50 -9.47 -7.98 10.40
CA LEU J 50 -10.28 -7.19 11.33
C LEU J 50 -9.64 -7.06 12.70
N GLY J 51 -8.96 -8.11 13.15
CA GLY J 51 -8.27 -8.00 14.42
C GLY J 51 -7.24 -6.89 14.31
N THR J 52 -6.40 -6.93 13.27
CA THR J 52 -5.37 -5.92 13.05
C THR J 52 -5.92 -4.51 12.93
N ARG J 53 -7.04 -4.35 12.27
CA ARG J 53 -7.61 -3.01 12.14
C ARG J 53 -8.07 -2.42 13.45
N VAL J 54 -8.65 -3.20 14.35
CA VAL J 54 -9.05 -2.62 15.59
C VAL J 54 -7.84 -2.15 16.34
N ARG J 55 -6.77 -2.94 16.36
CA ARG J 55 -5.55 -2.55 17.06
C ARG J 55 -5.06 -1.25 16.48
N ILE J 56 -5.01 -1.17 15.16
CA ILE J 56 -4.53 0.00 14.49
C ILE J 56 -5.32 1.19 14.92
N VAL J 57 -6.65 1.09 14.84
CA VAL J 57 -7.52 2.21 15.24
C VAL J 57 -7.36 2.58 16.70
N GLU J 58 -7.31 1.60 17.57
CA GLU J 58 -7.12 1.86 18.99
C GLU J 58 -5.81 2.65 19.25
N GLU J 59 -4.69 2.10 18.77
CA GLU J 59 -3.36 2.67 18.96
C GLU J 59 -3.20 4.03 18.35
N LEU J 60 -3.85 4.25 17.22
CA LEU J 60 -3.75 5.57 16.59
C LEU J 60 -4.40 6.63 17.46
N LEU J 61 -5.58 6.32 17.99
CA LEU J 61 -6.32 7.22 18.84
C LEU J 61 -5.48 7.46 20.07
N ARG J 62 -4.93 6.36 20.59
CA ARG J 62 -4.09 6.33 21.79
C ARG J 62 -2.91 7.25 21.59
N GLY J 63 -2.42 7.28 20.36
CA GLY J 63 -1.28 8.10 20.04
C GLY J 63 -0.07 7.97 20.95
N GLU J 64 0.19 6.81 21.54
CA GLU J 64 1.38 6.72 22.39
C GLU J 64 2.61 6.17 21.65
N MET J 65 2.44 5.82 20.38
CA MET J 65 3.55 5.29 19.60
C MET J 65 3.53 5.77 18.16
N SER J 66 4.70 6.02 17.58
CA SER J 66 4.78 6.47 16.21
C SER J 66 4.15 5.39 15.36
N GLN J 67 3.84 5.69 14.11
CA GLN J 67 3.21 4.74 13.21
C GLN J 67 4.23 3.70 12.77
N ARG J 68 5.48 4.11 12.75
CA ARG J 68 6.49 3.19 12.38
C ARG J 68 6.57 2.11 13.47
N GLU J 69 6.36 2.49 14.72
CA GLU J 69 6.39 1.51 15.81
C GLU J 69 5.21 0.56 15.73
N LEU J 70 4.02 1.14 15.54
CA LEU J 70 2.77 0.40 15.43
C LEU J 70 2.97 -0.67 14.40
N LYS J 71 3.54 -0.27 13.26
CA LYS J 71 3.77 -1.19 12.15
C LYS J 71 4.66 -2.38 12.56
N ASN J 72 5.61 -2.13 13.42
CA ASN J 72 6.49 -3.18 13.83
C ASN J 72 5.85 -4.15 14.82
N GLU J 73 5.15 -3.57 15.76
CA GLU J 73 4.45 -4.31 16.77
C GLU J 73 3.47 -5.30 16.13
N LEU J 74 2.68 -4.81 15.17
CA LEU J 74 1.67 -5.57 14.45
C LEU J 74 2.17 -6.37 13.25
N GLY J 75 3.35 -6.08 12.78
CA GLY J 75 3.86 -6.77 11.62
C GLY J 75 3.08 -6.39 10.39
N ALA J 76 2.65 -5.13 10.37
CA ALA J 76 1.84 -4.56 9.30
C ALA J 76 2.64 -3.72 8.29
N GLY J 77 2.04 -3.42 7.16
CA GLY J 77 2.70 -2.59 6.17
C GLY J 77 2.36 -1.19 6.62
N ILE J 78 3.09 -0.20 6.16
CA ILE J 78 2.73 1.13 6.62
C ILE J 78 1.43 1.57 5.94
N ALA J 79 1.17 1.02 4.76
CA ALA J 79 -0.01 1.35 4.01
C ALA J 79 -1.29 1.09 4.78
N THR J 80 -1.29 0.01 5.56
CA THR J 80 -2.43 -0.43 6.37
C THR J 80 -2.70 0.50 7.53
N ILE J 81 -1.68 1.14 8.11
CA ILE J 81 -1.87 2.13 9.21
C ILE J 81 -2.46 3.43 8.61
N THR J 82 -1.94 3.84 7.44
CA THR J 82 -2.43 5.00 6.70
C THR J 82 -3.94 4.81 6.35
N ARG J 83 -4.36 3.61 5.93
CA ARG J 83 -5.78 3.38 5.66
C ARG J 83 -6.53 3.63 6.94
N GLY J 84 -5.99 3.18 8.06
CA GLY J 84 -6.67 3.39 9.33
C GLY J 84 -6.70 4.86 9.68
N SER J 85 -5.57 5.51 9.49
CA SER J 85 -5.44 6.92 9.78
C SER J 85 -6.41 7.78 9.01
N ASN J 86 -6.48 7.55 7.71
CA ASN J 86 -7.36 8.34 6.86
C ASN J 86 -8.82 8.06 7.16
N SER J 87 -9.15 6.81 7.46
CA SER J 87 -10.53 6.45 7.76
C SER J 87 -10.97 7.07 9.04
N LEU J 88 -10.07 7.11 9.99
CA LEU J 88 -10.38 7.68 11.26
C LEU J 88 -10.67 9.16 11.07
N LYS J 89 -9.95 9.78 10.16
CA LYS J 89 -10.15 11.20 9.88
C LYS J 89 -11.56 11.47 9.43
N ALA J 90 -12.09 10.54 8.67
CA ALA J 90 -13.42 10.64 8.12
C ALA J 90 -14.52 10.17 9.06
N ALA J 91 -14.17 9.48 10.15
CA ALA J 91 -15.18 9.00 11.07
C ALA J 91 -15.95 10.17 11.72
N PRO J 92 -17.23 9.97 12.07
CA PRO J 92 -18.01 11.05 12.71
C PRO J 92 -17.43 11.34 14.08
N VAL J 93 -17.56 12.60 14.49
CA VAL J 93 -17.08 13.04 15.78
C VAL J 93 -17.59 12.11 16.86
N GLU J 94 -18.87 11.75 16.81
CA GLU J 94 -19.49 10.86 17.80
C GLU J 94 -18.75 9.56 17.99
N LEU J 95 -18.41 8.93 16.86
CA LEU J 95 -17.71 7.68 16.83
C LEU J 95 -16.30 7.84 17.39
N ARG J 96 -15.56 8.82 16.90
CA ARG J 96 -14.22 9.00 17.38
C ARG J 96 -14.16 9.16 18.85
N GLN J 97 -15.04 9.97 19.40
CA GLN J 97 -15.00 10.14 20.84
C GLN J 97 -15.54 8.97 21.67
N TRP J 98 -16.46 8.19 21.11
CA TRP J 98 -16.94 7.03 21.83
C TRP J 98 -15.77 6.02 21.81
N LEU J 99 -15.07 5.88 20.69
CA LEU J 99 -13.93 4.97 20.57
C LEU J 99 -12.89 5.27 21.62
N GLU J 100 -12.51 6.53 21.74
CA GLU J 100 -11.52 6.92 22.72
C GLU J 100 -11.92 6.56 24.14
N GLU J 101 -13.17 6.16 24.34
CA GLU J 101 -13.56 5.81 25.68
C GLU J 101 -13.46 4.31 25.79
N VAL J 102 -14.26 3.61 25.01
CA VAL J 102 -14.23 2.16 25.13
C VAL J 102 -12.83 1.55 24.85
N LEU J 103 -12.23 1.99 23.75
CA LEU J 103 -10.90 1.51 23.36
C LEU J 103 -9.73 2.04 24.14
N LEU J 104 -9.97 3.02 25.03
CA LEU J 104 -8.84 3.55 25.79
C LEU J 104 -8.98 3.56 27.32
N LYS J 105 -8.66 4.63 27.88
N ALA K 1 19.86 36.08 3.93
CA ALA K 1 19.30 36.71 5.15
C ALA K 1 19.57 38.17 5.04
N GLN K 2 19.47 38.71 3.82
CA GLN K 2 19.73 40.13 3.60
C GLN K 2 18.45 40.84 3.18
N GLN K 3 17.46 40.88 4.09
CA GLN K 3 16.24 41.62 3.80
C GLN K 3 15.46 40.96 2.60
N SER K 4 15.27 39.62 2.67
CA SER K 4 14.56 38.84 1.60
C SER K 4 13.55 39.65 0.73
N PRO K 5 14.00 40.17 -0.44
CA PRO K 5 12.90 40.88 -1.10
C PRO K 5 12.16 40.20 -2.27
N TYR K 6 12.78 39.24 -2.96
CA TYR K 6 12.14 38.61 -4.15
C TYR K 6 11.96 39.79 -5.16
N SER K 7 12.37 40.99 -4.69
CA SER K 7 12.27 42.25 -5.40
C SER K 7 12.93 42.21 -6.74
N ALA K 8 12.14 42.18 -7.80
CA ALA K 8 12.67 42.22 -9.18
C ALA K 8 13.71 43.36 -9.11
N ALA K 9 13.34 44.35 -8.27
CA ALA K 9 14.11 45.57 -7.97
C ALA K 9 15.62 45.43 -8.20
N MET K 10 16.35 44.95 -7.19
CA MET K 10 17.79 44.82 -7.33
C MET K 10 18.42 43.45 -7.20
N ALA K 11 17.64 42.39 -7.37
CA ALA K 11 18.22 41.06 -7.29
C ALA K 11 19.24 40.90 -8.46
N GLU K 12 19.39 41.91 -9.31
CA GLU K 12 20.37 41.87 -10.39
C GLU K 12 21.76 42.36 -9.89
N GLN K 13 21.79 43.41 -9.07
CA GLN K 13 23.08 43.94 -8.60
C GLN K 13 23.73 42.83 -7.82
N ARG K 14 23.11 42.46 -6.71
CA ARG K 14 23.65 41.43 -5.84
C ARG K 14 23.95 40.20 -6.72
N HIS K 15 23.21 40.07 -7.77
CA HIS K 15 23.47 38.97 -8.66
C HIS K 15 24.74 39.26 -9.41
N GLU K 16 24.93 40.51 -9.81
CA GLU K 16 26.14 40.89 -10.52
C GLU K 16 27.35 40.87 -9.57
N GLU K 17 27.11 41.11 -8.27
CA GLU K 17 28.15 41.09 -7.25
C GLU K 17 28.57 39.62 -7.14
N TRP K 18 27.59 38.74 -7.09
CA TRP K 18 27.84 37.31 -7.01
C TRP K 18 28.72 36.83 -8.18
N LEU K 19 28.44 37.31 -9.40
CA LEU K 19 29.23 36.94 -10.60
C LEU K 19 30.67 37.44 -10.51
N ARG K 20 30.84 38.55 -9.77
CA ARG K 20 32.15 39.13 -9.54
C ARG K 20 32.90 38.08 -8.72
N PHE K 21 32.22 37.41 -7.80
CA PHE K 21 32.86 36.37 -6.98
C PHE K 21 33.27 35.18 -7.85
N VAL K 22 32.31 34.67 -8.59
CA VAL K 22 32.55 33.55 -9.46
C VAL K 22 33.78 33.81 -10.30
N ASP K 23 33.91 35.00 -10.89
CA ASP K 23 35.08 35.34 -11.71
C ASP K 23 36.40 35.42 -10.89
N LEU K 24 36.34 36.05 -9.73
CA LEU K 24 37.52 36.14 -8.87
C LEU K 24 38.00 34.76 -8.50
N LEU K 25 37.09 33.86 -8.09
CA LEU K 25 37.47 32.50 -7.70
C LEU K 25 38.11 31.77 -8.85
N LYS K 26 37.63 32.08 -10.06
CA LYS K 26 38.14 31.52 -11.31
C LYS K 26 39.64 31.82 -11.44
N ASN K 27 39.98 33.07 -11.23
CA ASN K 27 41.34 33.51 -11.29
C ASN K 27 42.13 32.80 -10.19
N ALA K 28 41.56 32.79 -8.99
CA ALA K 28 42.18 32.17 -7.83
C ALA K 28 42.61 30.81 -8.20
N TYR K 29 41.71 29.99 -8.73
CA TYR K 29 42.13 28.64 -9.10
C TYR K 29 43.30 28.68 -10.07
N GLN K 30 43.25 29.60 -11.02
CA GLN K 30 44.29 29.67 -12.01
C GLN K 30 45.64 30.05 -11.49
N ASN K 31 45.66 30.77 -10.39
CA ASN K 31 46.91 31.21 -9.79
C ASN K 31 47.23 30.40 -8.52
N ASP K 32 46.46 29.34 -8.28
CA ASP K 32 46.61 28.50 -7.12
C ASP K 32 46.43 29.15 -5.75
N LEU K 33 45.53 30.13 -5.69
CA LEU K 33 45.26 30.85 -4.46
C LEU K 33 43.81 30.65 -4.07
N HIS K 34 43.19 29.62 -4.63
CA HIS K 34 41.80 29.35 -4.33
C HIS K 34 41.61 28.95 -2.88
N LEU K 35 42.49 28.11 -2.39
CA LEU K 35 42.38 27.65 -1.03
C LEU K 35 42.35 28.84 -0.03
N PRO K 36 43.38 29.71 -0.03
CA PRO K 36 43.21 30.80 0.95
C PRO K 36 42.04 31.72 0.62
N LEU K 37 41.74 31.92 -0.65
CA LEU K 37 40.64 32.79 -1.02
C LEU K 37 39.36 32.23 -0.43
N LEU K 38 39.19 30.91 -0.54
CA LEU K 38 37.98 30.26 -0.01
C LEU K 38 37.96 30.24 1.50
N ASN K 39 39.14 30.38 2.11
CA ASN K 39 39.23 30.41 3.55
C ASN K 39 38.91 31.81 4.02
N LEU K 40 39.18 32.77 3.17
CA LEU K 40 38.88 34.15 3.50
C LEU K 40 37.41 34.44 3.30
N MET K 41 36.86 33.96 2.20
CA MET K 41 35.48 34.18 1.79
C MET K 41 34.37 33.41 2.46
N LEU K 42 34.63 32.19 2.94
CA LEU K 42 33.57 31.40 3.58
C LEU K 42 33.84 31.25 5.04
N THR K 43 32.84 30.92 5.82
CA THR K 43 33.05 30.73 7.25
C THR K 43 33.33 29.24 7.41
N PRO K 44 33.87 28.80 8.54
CA PRO K 44 34.17 27.37 8.74
C PRO K 44 32.97 26.48 8.49
N ASP K 45 31.83 26.95 8.99
CA ASP K 45 30.58 26.25 8.90
C ASP K 45 30.03 26.06 7.49
N GLU K 46 30.26 27.03 6.63
CA GLU K 46 29.83 26.98 5.25
C GLU K 46 30.69 25.96 4.52
N ARG K 47 31.97 25.93 4.85
CA ARG K 47 32.88 25.00 4.24
C ARG K 47 32.47 23.58 4.56
N GLU K 48 32.18 23.32 5.83
CA GLU K 48 31.76 21.99 6.23
C GLU K 48 30.44 21.58 5.60
N ALA K 49 29.44 22.47 5.63
CA ALA K 49 28.15 22.18 5.05
C ALA K 49 28.31 21.79 3.59
N LEU K 50 29.28 22.42 2.93
CA LEU K 50 29.60 22.14 1.54
C LEU K 50 30.22 20.77 1.36
N GLY K 51 31.02 20.33 2.32
CA GLY K 51 31.60 19.02 2.21
C GLY K 51 30.47 18.00 2.19
N THR K 52 29.52 18.14 3.11
CA THR K 52 28.37 17.25 3.21
C THR K 52 27.49 17.24 1.96
N ARG K 53 27.33 18.38 1.34
CA ARG K 53 26.52 18.44 0.15
C ARG K 53 27.16 17.72 -1.02
N VAL K 54 28.48 17.82 -1.18
CA VAL K 54 29.04 17.10 -2.29
C VAL K 54 28.81 15.63 -2.08
N ARG K 55 28.90 15.16 -0.86
CA ARG K 55 28.72 13.74 -0.58
C ARG K 55 27.33 13.33 -0.90
N ILE K 56 26.37 14.13 -0.46
CA ILE K 56 24.98 13.84 -0.69
C ILE K 56 24.72 13.74 -2.19
N VAL K 57 25.16 14.75 -2.94
CA VAL K 57 24.95 14.76 -4.38
C VAL K 57 25.63 13.61 -5.06
N GLU K 58 26.83 13.28 -4.63
CA GLU K 58 27.54 12.16 -5.25
C GLU K 58 26.82 10.84 -5.01
N GLU K 59 26.42 10.59 -3.77
CA GLU K 59 25.77 9.35 -3.38
C GLU K 59 24.39 9.17 -3.95
N LEU K 60 23.70 10.28 -4.17
CA LEU K 60 22.36 10.19 -4.76
C LEU K 60 22.46 9.81 -6.25
N LEU K 61 23.47 10.34 -6.94
CA LEU K 61 23.67 10.05 -8.35
C LEU K 61 24.05 8.59 -8.47
N ARG K 62 24.95 8.21 -7.58
CA ARG K 62 25.50 6.87 -7.48
C ARG K 62 24.37 5.93 -7.19
N GLY K 63 23.38 6.41 -6.45
CA GLY K 63 22.23 5.62 -6.10
C GLY K 63 22.44 4.19 -5.65
N GLU K 64 23.53 3.89 -4.93
CA GLU K 64 23.74 2.52 -4.47
C GLU K 64 23.24 2.30 -3.03
N MET K 65 22.84 3.38 -2.35
CA MET K 65 22.34 3.28 -0.98
C MET K 65 21.06 4.11 -0.75
N SER K 66 20.17 3.61 0.11
CA SER K 66 18.92 4.33 0.39
C SER K 66 19.28 5.65 1.03
N GLN K 67 18.32 6.56 1.11
CA GLN K 67 18.57 7.87 1.70
C GLN K 67 18.62 7.77 3.24
N ARG K 68 17.95 6.76 3.78
CA ARG K 68 17.98 6.50 5.20
C ARG K 68 19.44 6.10 5.53
N GLU K 69 20.10 5.39 4.61
CA GLU K 69 21.51 4.97 4.83
C GLU K 69 22.42 6.15 4.72
N LEU K 70 22.27 6.92 3.63
CA LEU K 70 23.07 8.12 3.37
C LEU K 70 23.08 8.97 4.60
N LYS K 71 21.90 9.18 5.16
CA LYS K 71 21.67 9.98 6.35
C LYS K 71 22.44 9.53 7.59
N ASN K 72 22.58 8.22 7.75
CA ASN K 72 23.33 7.66 8.87
C ASN K 72 24.84 7.78 8.62
N GLU K 73 25.26 7.49 7.40
CA GLU K 73 26.64 7.55 7.00
C GLU K 73 27.17 8.95 7.26
N LEU K 74 26.40 9.96 6.83
CA LEU K 74 26.72 11.39 6.95
C LEU K 74 26.31 12.09 8.25
N GLY K 75 25.50 11.46 9.06
CA GLY K 75 25.11 12.12 10.28
C GLY K 75 24.32 13.36 9.92
N ALA K 76 23.52 13.25 8.87
CA ALA K 76 22.69 14.36 8.39
C ALA K 76 21.20 14.15 8.70
N GLY K 77 20.40 15.20 8.58
CA GLY K 77 18.98 15.09 8.80
C GLY K 77 18.43 14.67 7.46
N ILE K 78 17.30 13.99 7.43
CA ILE K 78 16.79 13.56 6.14
C ILE K 78 16.44 14.76 5.25
N ALA K 79 16.10 15.88 5.89
CA ALA K 79 15.74 17.10 5.20
C ALA K 79 16.84 17.62 4.27
N THR K 80 18.10 17.46 4.69
CA THR K 80 19.27 17.88 3.91
C THR K 80 19.48 16.99 2.69
N ILE K 81 19.09 15.71 2.73
CA ILE K 81 19.21 14.82 1.57
C ILE K 81 18.12 15.21 0.55
N THR K 82 16.90 15.48 1.05
CA THR K 82 15.78 15.92 0.23
C THR K 82 16.14 17.24 -0.51
N ARG K 83 16.82 18.18 0.16
CA ARG K 83 17.23 19.40 -0.50
C ARG K 83 18.15 19.01 -1.63
N GLY K 84 19.04 18.07 -1.39
CA GLY K 84 19.94 17.64 -2.45
C GLY K 84 19.20 16.99 -3.59
N SER K 85 18.31 16.09 -3.22
CA SER K 85 17.50 15.37 -4.18
C SER K 85 16.72 16.31 -5.08
N ASN K 86 16.00 17.23 -4.48
CA ASN K 86 15.18 18.14 -5.24
C ASN K 86 16.04 19.05 -6.10
N SER K 87 17.19 19.45 -5.58
CA SER K 87 18.09 20.33 -6.31
C SER K 87 18.65 19.65 -7.52
N LEU K 88 18.96 18.38 -7.36
CA LEU K 88 19.48 17.61 -8.45
C LEU K 88 18.44 17.47 -9.54
N LYS K 89 17.18 17.35 -9.15
CA LYS K 89 16.10 17.23 -10.11
C LYS K 89 16.08 18.44 -11.03
N ALA K 90 16.35 19.59 -10.42
CA ALA K 90 16.35 20.85 -11.11
C ALA K 90 17.63 21.19 -11.89
N ALA K 91 18.70 20.45 -11.63
CA ALA K 91 19.99 20.64 -12.29
C ALA K 91 19.92 20.33 -13.80
N PRO K 92 20.69 21.05 -14.63
CA PRO K 92 20.65 20.80 -16.07
C PRO K 92 21.13 19.40 -16.41
N VAL K 93 20.59 18.85 -17.49
CA VAL K 93 20.97 17.53 -17.96
C VAL K 93 22.49 17.47 -18.08
N GLU K 94 23.10 18.51 -18.62
CA GLU K 94 24.54 18.57 -18.83
C GLU K 94 25.26 18.39 -17.53
N LEU K 95 24.81 19.12 -16.50
CA LEU K 95 25.46 19.03 -15.20
C LEU K 95 25.35 17.62 -14.63
N ARG K 96 24.12 17.11 -14.50
CA ARG K 96 23.92 15.78 -13.93
C ARG K 96 24.77 14.76 -14.60
N GLN K 97 24.81 14.77 -15.91
CA GLN K 97 25.62 13.80 -16.65
C GLN K 97 27.16 13.98 -16.59
N TRP K 98 27.65 15.16 -16.28
CA TRP K 98 29.06 15.34 -16.16
C TRP K 98 29.38 14.89 -14.73
N LEU K 99 28.52 15.21 -13.77
CA LEU K 99 28.70 14.84 -12.35
C LEU K 99 28.87 13.34 -12.26
N GLU K 100 28.01 12.62 -12.97
CA GLU K 100 28.03 11.17 -13.00
C GLU K 100 29.29 10.63 -13.63
N GLU K 101 30.12 11.49 -14.18
CA GLU K 101 31.35 11.01 -14.78
C GLU K 101 32.47 11.28 -13.81
N VAL K 102 32.66 12.54 -13.48
CA VAL K 102 33.71 12.91 -12.56
C VAL K 102 33.39 12.30 -11.22
N LEU K 103 32.20 12.55 -10.71
CA LEU K 103 31.81 12.04 -9.38
C LEU K 103 31.48 10.56 -9.31
N LEU K 104 31.77 9.81 -10.36
CA LEU K 104 31.48 8.39 -10.27
C LEU K 104 32.50 7.54 -11.03
N LYS K 105 32.11 6.87 -12.04
N ALA L 1 26.79 25.74 11.23
CA ALA L 1 25.98 25.02 12.22
C ALA L 1 25.81 23.64 11.82
N GLN L 2 26.36 22.84 12.51
CA GLN L 2 26.23 21.50 12.21
C GLN L 2 26.42 20.84 13.48
N GLN L 3 25.69 21.44 14.38
CA GLN L 3 25.65 21.08 15.75
C GLN L 3 27.07 21.21 16.31
N SER L 4 27.42 22.46 16.25
CA SER L 4 28.65 23.12 16.76
C SER L 4 29.58 22.26 17.62
N PRO L 5 30.36 20.85 17.27
CA PRO L 5 31.29 20.19 18.19
C PRO L 5 32.61 20.89 18.51
N TYR L 6 33.01 21.98 17.91
CA TYR L 6 34.35 22.48 18.28
C TYR L 6 35.16 21.23 18.55
N SER L 7 34.96 19.83 18.30
CA SER L 7 35.66 18.60 18.71
C SER L 7 36.75 18.23 17.69
N ALA L 8 38.01 18.45 18.09
CA ALA L 8 39.16 18.11 17.23
C ALA L 8 38.97 16.68 16.77
N ALA L 9 38.12 16.01 17.53
CA ALA L 9 37.72 14.62 17.31
C ALA L 9 37.33 14.41 15.78
N MET L 10 36.09 14.94 15.33
CA MET L 10 35.61 14.83 13.85
C MET L 10 35.30 16.20 13.18
N ALA L 11 35.85 17.29 13.41
CA ALA L 11 35.94 18.49 12.61
C ALA L 11 36.84 18.12 11.44
N GLU L 12 37.41 16.91 11.48
CA GLU L 12 38.26 16.42 10.43
C GLU L 12 37.49 15.81 9.27
N GLN L 13 36.43 15.06 9.53
CA GLN L 13 35.70 14.41 8.44
C GLN L 13 35.01 15.46 7.64
N ARG L 14 34.18 16.24 8.31
CA ARG L 14 33.42 17.29 7.67
C ARG L 14 34.42 18.15 6.92
N HIS L 15 36.87 18.08 6.66
CA HIS L 15 37.84 18.92 5.94
C HIS L 15 38.23 18.26 4.66
N GLU L 16 38.42 16.95 4.72
CA GLU L 16 38.79 16.27 3.52
C GLU L 16 37.62 16.23 2.56
N GLU L 17 36.42 16.38 3.08
CA GLU L 17 35.19 16.43 2.26
C GLU L 17 35.08 17.81 1.60
N TRP L 18 35.53 18.83 2.33
CA TRP L 18 35.56 20.18 1.84
C TRP L 18 36.56 20.28 0.64
N LEU L 19 37.73 19.63 0.77
CA LEU L 19 38.76 19.60 -0.27
C LEU L 19 38.22 18.87 -1.50
N ARG L 20 37.35 17.89 -1.28
CA ARG L 20 36.73 17.19 -2.40
C ARG L 20 35.91 18.22 -3.22
N PHE L 21 35.23 19.12 -2.51
CA PHE L 21 34.45 20.15 -3.16
C PHE L 21 35.38 21.10 -3.90
N VAL L 22 36.40 21.55 -3.22
CA VAL L 22 37.35 22.46 -3.83
C VAL L 22 37.86 21.87 -5.13
N ASP L 23 38.14 20.57 -5.16
CA ASP L 23 38.65 19.93 -6.37
C ASP L 23 37.62 19.72 -7.49
N LEU L 24 36.39 19.39 -7.09
CA LEU L 24 35.31 19.22 -8.02
C LEU L 24 35.01 20.55 -8.69
N LEU L 25 34.92 21.63 -7.91
CA LEU L 25 34.65 22.92 -8.50
C LEU L 25 35.77 23.26 -9.52
N LYS L 26 37.00 22.93 -9.15
CA LYS L 26 38.15 23.16 -9.99
C LYS L 26 37.91 22.61 -11.37
N ASN L 27 37.50 21.34 -11.42
CA ASN L 27 37.17 20.69 -12.68
C ASN L 27 36.02 21.40 -13.38
N ALA L 28 35.00 21.74 -12.62
CA ALA L 28 33.87 22.44 -13.16
C ALA L 28 34.36 23.68 -13.90
N TYR L 29 35.24 24.47 -13.30
CA TYR L 29 35.69 25.66 -13.99
C TYR L 29 36.28 25.33 -15.32
N GLN L 30 37.05 24.26 -15.35
CA GLN L 30 37.72 23.81 -16.59
C GLN L 30 36.83 23.27 -17.65
N ASN L 31 35.67 22.80 -17.25
CA ASN L 31 34.74 22.25 -18.20
C ASN L 31 33.59 23.21 -18.41
N ASP L 32 33.68 24.39 -17.83
CA ASP L 32 32.62 25.39 -17.96
C ASP L 32 31.30 24.98 -17.36
N LEU L 33 31.38 24.16 -16.32
CA LEU L 33 30.20 23.70 -15.64
C LEU L 33 30.17 24.23 -14.23
N HIS L 34 30.95 25.28 -13.98
CA HIS L 34 30.99 25.87 -12.65
C HIS L 34 29.70 26.58 -12.28
N LEU L 35 29.09 27.28 -13.23
CA LEU L 35 27.84 27.95 -12.95
C LEU L 35 26.71 26.96 -12.50
N PRO L 36 26.42 25.92 -13.31
CA PRO L 36 25.37 25.08 -12.74
C PRO L 36 25.82 24.34 -11.50
N LEU L 37 27.09 24.02 -11.39
CA LEU L 37 27.55 23.32 -10.20
C LEU L 37 27.33 24.19 -8.97
N LEU L 38 27.61 25.47 -9.10
CA LEU L 38 27.44 26.40 -7.99
C LEU L 38 25.95 26.69 -7.70
N ASN L 39 25.08 26.45 -8.68
CA ASN L 39 23.67 26.67 -8.46
C ASN L 39 23.16 25.44 -7.75
N LEU L 40 23.80 24.32 -8.02
CA LEU L 40 23.37 23.10 -7.39
C LEU L 40 23.86 23.05 -5.97
N MET L 41 25.12 23.43 -5.78
CA MET L 41 25.74 23.36 -4.48
C MET L 41 25.42 24.45 -3.45
N LEU L 42 25.14 25.66 -3.88
CA LEU L 42 24.82 26.73 -2.92
C LEU L 42 23.36 27.11 -2.94
N THR L 43 22.85 27.70 -1.88
CA THR L 43 21.48 28.11 -1.88
C THR L 43 21.48 29.53 -2.42
N PRO L 44 20.31 30.09 -2.78
CA PRO L 44 20.20 31.46 -3.31
C PRO L 44 20.77 32.49 -2.37
N ASP L 45 20.48 32.31 -1.10
CA ASP L 45 20.92 33.19 -0.05
C ASP L 45 22.47 33.23 0.12
N GLU L 46 23.14 32.09 -0.04
CA GLU L 46 24.59 32.00 0.06
C GLU L 46 25.23 32.70 -1.12
N ARG L 47 24.71 32.54 -2.31
CA ARG L 47 25.26 33.20 -3.45
C ARG L 47 25.21 34.70 -3.25
N GLU L 48 24.07 35.23 -2.82
CA GLU L 48 23.91 36.67 -2.59
C GLU L 48 24.88 37.20 -1.51
N ALA L 49 24.94 36.52 -0.37
CA ALA L 49 25.85 36.93 0.72
C ALA L 49 27.27 37.04 0.13
N LEU L 50 27.63 36.09 -0.72
CA LEU L 50 28.93 36.05 -1.37
C LEU L 50 29.13 37.20 -2.33
N GLY L 51 28.06 37.65 -2.97
CA GLY L 51 28.18 38.80 -3.83
C GLY L 51 28.60 39.98 -2.96
N THR L 52 27.91 40.22 -1.84
CA THR L 52 28.22 41.32 -0.91
C THR L 52 29.60 41.22 -0.31
N ARG L 53 30.06 40.02 0.02
CA ARG L 53 31.39 39.90 0.56
C ARG L 53 32.49 40.32 -0.40
N VAL L 54 32.37 40.03 -1.68
CA VAL L 54 33.42 40.44 -2.61
C VAL L 54 33.49 41.91 -2.69
N ARG L 55 32.34 42.59 -2.73
CA ARG L 55 32.29 44.06 -2.78
C ARG L 55 32.95 44.62 -1.54
N ILE L 56 32.62 44.07 -0.40
CA ILE L 56 33.19 44.55 0.82
C ILE L 56 34.69 44.43 0.76
N VAL L 57 35.19 43.25 0.45
CA VAL L 57 36.62 43.02 0.38
C VAL L 57 37.30 43.93 -0.64
N GLU L 58 36.72 44.07 -1.82
CA GLU L 58 37.28 44.93 -2.85
C GLU L 58 37.40 46.37 -2.35
N GLU L 59 36.28 46.93 -1.90
CA GLU L 59 36.21 48.30 -1.42
C GLU L 59 37.11 48.62 -0.23
N LEU L 60 37.30 47.63 0.64
CA LEU L 60 38.14 47.83 1.81
C LEU L 60 39.59 47.98 1.40
N LEU L 61 40.04 47.15 0.46
CA LEU L 61 41.41 47.20 -0.04
C LEU L 61 41.55 48.53 -0.76
N ARG L 62 40.51 48.87 -1.51
CA ARG L 62 40.43 50.10 -2.30
C ARG L 62 40.61 51.26 -1.37
N GLY L 63 40.01 51.17 -0.19
CA GLY L 63 40.09 52.22 0.80
C GLY L 63 39.68 53.59 0.29
N GLU L 64 38.72 53.69 -0.63
CA GLU L 64 38.38 55.03 -1.10
C GLU L 64 37.17 55.59 -0.37
N MET L 65 36.56 54.78 0.47
CA MET L 65 35.38 55.25 1.20
C MET L 65 35.37 54.78 2.61
N SER L 66 34.81 55.55 3.54
CA SER L 66 34.79 55.12 4.92
C SER L 66 33.93 53.85 4.98
N GLN L 67 33.99 53.13 6.09
CA GLN L 67 33.21 51.91 6.25
C GLN L 67 31.74 52.24 6.40
N ARG L 68 31.47 53.41 6.94
CA ARG L 68 30.09 53.78 7.09
C ARG L 68 29.48 54.01 5.72
N GLU L 69 30.26 54.51 4.77
CA GLU L 69 29.77 54.72 3.42
C GLU L 69 29.53 53.43 2.72
N LEU L 70 30.50 52.53 2.81
CA LEU L 70 30.41 51.20 2.21
C LEU L 70 29.12 50.56 2.66
N LYS L 71 28.83 50.65 3.93
CA LYS L 71 27.64 50.08 4.52
C LYS L 71 26.36 50.65 3.88
N ASN L 72 26.37 51.92 3.53
CA ASN L 72 25.18 52.52 2.96
C ASN L 72 25.01 52.14 1.50
N GLU L 73 26.13 52.09 0.81
CA GLU L 73 26.14 51.74 -0.56
C GLU L 73 25.58 50.32 -0.73
N LEU L 74 26.07 49.38 0.07
CA LEU L 74 25.67 47.99 0.01
C LEU L 74 24.41 47.61 0.78
N GLY L 75 23.94 48.49 1.64
CA GLY L 75 22.78 48.21 2.46
C GLY L 75 23.12 47.13 3.50
N ALA L 76 24.38 47.12 3.93
CA ALA L 76 24.90 46.14 4.90
C ALA L 76 24.92 46.63 6.35
N GLY L 77 25.13 45.71 7.27
CA GLY L 77 25.21 46.07 8.67
C GLY L 77 26.66 46.41 8.83
N ILE L 78 27.02 47.13 9.86
CA ILE L 78 28.43 47.44 9.98
C ILE L 78 29.19 46.16 10.40
N ALA L 79 28.48 45.29 11.11
CA ALA L 79 29.07 44.07 11.57
C ALA L 79 29.68 43.29 10.41
N THR L 80 28.99 43.31 9.27
CA THR L 80 29.41 42.60 8.06
C THR L 80 30.67 43.15 7.44
N ILE L 81 30.92 44.46 7.59
CA ILE L 81 32.15 45.06 7.03
C ILE L 81 33.32 44.67 7.93
N THR L 82 33.07 44.72 9.24
CA THR L 82 34.06 44.34 10.24
C THR L 82 34.48 42.87 10.02
N ARG L 83 33.55 41.98 9.73
CA ARG L 83 33.94 40.59 9.45
C ARG L 83 34.89 40.58 8.28
N GLY L 84 34.61 41.36 7.25
CA GLY L 84 35.49 41.40 6.10
C GLY L 84 36.83 41.97 6.48
N SER L 85 36.79 43.07 7.23
CA SER L 85 37.98 43.77 7.68
C SER L 85 38.91 42.88 8.48
N ASN L 86 38.36 42.20 9.49
CA ASN L 86 39.17 41.33 10.30
C ASN L 86 39.69 40.12 9.51
N SER L 87 38.88 39.60 8.60
CA SER L 87 39.28 38.46 7.80
C SER L 87 40.39 38.85 6.90
N LEU L 88 40.35 40.05 6.38
CA LEU L 88 41.38 40.52 5.48
C LEU L 88 42.69 40.62 6.21
N LYS L 89 42.59 41.01 7.48
CA LYS L 89 43.77 41.18 8.33
C LYS L 89 44.52 39.89 8.45
N ALA L 90 43.75 38.81 8.51
CA ALA L 90 44.31 37.46 8.62
C ALA L 90 44.71 36.80 7.28
N ALA L 91 44.31 37.37 6.14
CA ALA L 91 44.65 36.80 4.85
C ALA L 91 46.19 36.80 4.64
N PRO L 92 46.70 35.82 3.91
CA PRO L 92 48.14 35.82 3.69
C PRO L 92 48.52 37.01 2.83
N VAL L 93 49.73 37.51 3.03
CA VAL L 93 50.26 38.61 2.25
C VAL L 93 50.06 38.38 0.75
N GLU L 94 50.36 37.17 0.27
CA GLU L 94 50.20 36.82 -1.14
C GLU L 94 48.79 37.08 -1.65
N LEU L 95 47.79 36.66 -0.87
CA LEU L 95 46.41 36.82 -1.27
C LEU L 95 46.03 38.29 -1.31
N ARG L 96 46.35 39.02 -0.25
CA ARG L 96 46.02 40.43 -0.18
C ARG L 96 46.57 41.21 -1.34
N GLN L 97 47.83 40.97 -1.67
CA GLN L 97 48.42 41.70 -2.79
C GLN L 97 47.94 41.26 -4.16
N TRP L 98 47.54 40.00 -4.29
CA TRP L 98 47.02 39.54 -5.56
C TRP L 98 45.64 40.15 -5.72
N LEU L 99 44.85 40.20 -4.64
CA LEU L 99 43.52 40.81 -4.69
C LEU L 99 43.62 42.26 -5.12
N GLU L 100 44.57 43.01 -4.56
CA GLU L 100 44.73 44.41 -4.91
C GLU L 100 45.08 44.63 -6.36
N GLU L 101 45.35 43.54 -7.06
CA GLU L 101 45.65 43.69 -8.45
C GLU L 101 44.37 43.36 -9.19
N VAL L 102 43.92 42.12 -9.13
CA VAL L 102 42.74 41.74 -9.89
C VAL L 102 41.51 42.58 -9.52
N LEU L 103 41.26 42.74 -8.23
CA LEU L 103 40.12 43.50 -7.79
C LEU L 103 40.25 45.02 -7.91
N LEU L 104 41.44 45.54 -8.25
CA LEU L 104 41.60 46.99 -8.32
C LEU L 104 42.14 47.62 -9.60
N LYS L 105 43.07 48.43 -9.51
N TRP M . -11.58 -30.21 2.92
CA TRP M . -11.24 -29.46 1.69
C TRP M . -12.44 -28.66 1.31
O TRP M . -13.55 -29.14 1.64
CB TRP M . -10.90 -30.42 0.57
CG TRP M . -10.23 -29.78 -0.53
CD1 TRP M . -10.77 -29.36 -1.68
CD2 TRP M . -8.84 -29.51 -0.60
NE1 TRP M . -9.83 -28.83 -2.49
CE2 TRP M . -8.62 -28.91 -1.85
CE3 TRP M . -7.77 -29.70 0.26
CZ2 TRP M . -7.36 -28.50 -2.27
CZ3 TRP M . -6.52 -29.30 -0.14
CH2 TRP M . -6.32 -28.71 -1.40
OXT TRP M . -12.29 -27.56 0.74
N TRP N . -14.58 -46.88 -9.37
CA TRP N . -16.00 -46.48 -9.39
C TRP N . -16.24 -45.79 -10.69
O TRP N . -15.29 -45.18 -11.18
CB TRP N . -16.29 -45.52 -8.26
CG TRP N . -17.70 -45.37 -7.99
CD1 TRP N . -18.47 -44.37 -8.41
CD2 TRP N . -18.51 -46.24 -7.23
NE1 TRP N . -19.74 -44.55 -7.95
CE2 TRP N . -19.78 -45.70 -7.21
CE3 TRP N . -18.27 -47.43 -6.55
CZ2 TRP N . -20.85 -46.29 -6.55
CZ3 TRP N . -19.30 -48.03 -5.88
CH2 TRP N . -20.58 -47.45 -5.88
OXT TRP N . -17.37 -45.89 -11.21
N TRP O . -8.58 11.01 -3.03
CA TRP O . -7.57 9.98 -3.26
C TRP O . -7.27 9.42 -1.90
O TRP O . -7.36 10.21 -0.93
CB TRP O . -6.32 10.58 -3.84
CG TRP O . -5.42 9.56 -4.40
CD1 TRP O . -4.33 9.04 -3.81
CD2 TRP O . -5.56 8.93 -5.65
NE1 TRP O . -3.77 8.10 -4.62
CE2 TRP O . -4.51 8.01 -5.76
CE3 TRP O . -6.47 9.03 -6.68
CZ2 TRP O . -4.32 7.22 -6.88
CZ3 TRP O . -6.29 8.25 -7.80
CH2 TRP O . -5.23 7.35 -7.88
OXT TRP O . -6.98 8.20 -1.85
N TRP P . 7.61 24.24 -5.04
CA TRP P . 7.69 24.23 -3.57
C TRP P . 8.82 23.30 -3.23
O TRP P . 8.99 22.33 -4.01
CB TRP P . 6.39 23.71 -2.98
CG TRP P . 6.30 23.95 -1.55
CD1 TRP P . 6.58 23.08 -0.55
CD2 TRP P . 5.91 25.16 -0.93
NE1 TRP P . 6.39 23.68 0.67
CE2 TRP P . 5.97 24.97 0.45
CE3 TRP P . 5.51 26.39 -1.43
CZ2 TRP P . 5.64 25.96 1.36
CZ3 TRP P . 5.18 27.37 -0.54
CH2 TRP P . 5.23 27.15 0.84
OXT TRP P . 9.51 23.56 -2.22
N TRP Q . -13.19 1.80 5.97
CA TRP Q . -11.76 1.42 5.83
C TRP Q . -11.34 1.57 4.41
O TRP Q . -12.20 1.31 3.53
CB TRP Q . -11.57 -0.02 6.25
CG TRP Q . -10.16 -0.33 6.48
CD1 TRP Q . -9.32 -0.95 5.62
CD2 TRP Q . -9.42 -0.04 7.65
NE1 TRP Q . -8.07 -1.05 6.19
CE2 TRP Q . -8.12 -0.51 7.45
CE3 TRP Q . -9.75 0.55 8.87
CZ2 TRP Q . -7.12 -0.38 8.41
CZ3 TRP Q . -8.78 0.67 9.82
CH2 TRP Q . -7.47 0.20 9.59
OXT TRP Q . -10.14 1.88 4.20
N TRP R . -16.81 -18.74 6.37
CA TRP R . -17.02 -18.65 4.92
C TRP R . -15.75 -19.12 4.26
O TRP R . -14.67 -18.90 4.86
CB TRP R . -17.27 -17.21 4.50
CG TRP R . -17.81 -17.10 3.16
CD1 TRP R . -17.12 -16.81 2.02
CD2 TRP R . -19.17 -17.29 2.78
NE1 TRP R . -17.98 -16.82 0.93
CE2 TRP R . -19.25 -17.10 1.38
CE3 TRP R . -20.34 -17.59 3.48
CZ2 TRP R . -20.44 -17.20 0.69
CZ3 TRP R . -21.51 -17.68 2.78
CH2 TRP R . -21.57 -17.50 1.40
OXT TRP R . -15.86 -19.70 3.15
N TRP S . 36.14 33.96 6.41
CA TRP S . 35.15 35.01 6.74
C TRP S . 34.65 34.74 8.13
O TRP S . 34.59 33.55 8.51
CB TRP S . 33.98 34.93 5.78
CG TRP S . 33.14 36.11 5.83
CD1 TRP S . 31.95 36.25 6.50
CD2 TRP S . 33.38 37.35 5.17
NE1 TRP S . 31.45 37.53 6.29
CE2 TRP S . 32.32 38.22 5.48
CE3 TRP S . 34.41 37.83 4.35
CZ2 TRP S . 32.25 39.52 4.99
CZ3 TRP S . 34.33 39.11 3.87
CH2 TRP S . 33.26 39.95 4.19
OXT TRP S . 34.31 35.74 8.80
N TRP T . 20.81 24.77 -4.35
CA TRP T . 20.55 24.00 -3.13
C TRP T . 19.37 24.61 -2.42
O TRP T . 19.25 25.86 -2.50
CB TRP T . 21.75 24.06 -2.20
CG TRP T . 21.68 23.05 -1.17
CD1 TRP T . 21.23 23.20 0.09
CD2 TRP T . 22.04 21.68 -1.32
NE1 TRP T . 21.29 22.01 0.76
CE2 TRP T . 21.80 21.06 -0.10
CE3 TRP T . 22.56 20.94 -2.37
CZ2 TRP T . 22.05 19.71 0.12
CZ3 TRP T . 22.83 19.61 -2.16
CH2 TRP T . 22.57 19.00 -0.93
OXT TRP T . 18.60 23.84 -1.78
#